data_3IVS
#
_entry.id   3IVS
#
_cell.length_a   135.995
_cell.length_b   135.995
_cell.length_c   122.124
_cell.angle_alpha   90.000
_cell.angle_beta   90.000
_cell.angle_gamma   120.000
#
_symmetry.space_group_name_H-M   'P 62'
#
loop_
_entity.id
_entity.type
_entity.pdbx_description
1 polymer 'Homocitrate synthase, mitochondrial'
2 non-polymer 'COBALT (II) ION'
3 non-polymer 'MAGNESIUM ION'
4 water water
#
_entity_poly.entity_id   1
_entity_poly.type   'polypeptide(L)'
_entity_poly.pdbx_seq_one_letter_code
;GA(MSE)GS(MSE)SVSEANGTETIKPP(MSE)NGNPYGPNPSDFLSRVNNFSIIESTLREGEQFANAFFDTEKKIQIAK
ALDNFGVDYIELTSPVASEQSRQDCEAICKLGLKCKILTHIRCH(MSE)DDARVAVETGVDGVDVVIGTSQYLRKYSHGK
DMTYIIDSATEVINFVKSKGIEVRFSSEDSFRSDLVDLLSLYKAVDKIGVNRVGIADTVGCATPRQVYDLIRTLRGVVSC
DIECHFHNDTG(MSE)AIANAYCALEAGATHIDTSILGIGERNGITPLGALLAR(MSE)YVTDREYITHKYKLNQLRELE
NLVADAVEVQIPFNNYITG(MSE)CAFTHKAGIHAKAILANPSTYEILKPEDFG(MSE)SRYVHVGSRLTGWNAIKSRAE
QLNLHLTDAQAKELTVRIKKLADVRTLA(MSE)DDVDRVLREYHADLSDADRITKEASA
;
_entity_poly.pdbx_strand_id   A,B
#
loop_
_chem_comp.id
_chem_comp.type
_chem_comp.name
_chem_comp.formula
CO non-polymer 'COBALT (II) ION' 'Co 2'
MG non-polymer 'MAGNESIUM ION' 'Mg 2'
#
# COMPACT_ATOMS: atom_id res chain seq x y z
N ASN A 29 21.07 3.07 -19.48
CA ASN A 29 20.96 4.53 -19.78
C ASN A 29 20.17 4.93 -21.04
N PRO A 30 20.43 4.30 -22.22
CA PRO A 30 19.53 4.63 -23.34
C PRO A 30 18.04 4.48 -23.01
N SER A 31 17.67 3.47 -22.19
CA SER A 31 16.26 3.24 -21.74
C SER A 31 15.64 4.44 -21.02
N ASP A 32 16.47 5.19 -20.28
CA ASP A 32 16.05 6.40 -19.57
C ASP A 32 15.38 7.41 -20.50
N PHE A 33 15.75 7.41 -21.78
CA PHE A 33 15.16 8.33 -22.75
C PHE A 33 13.67 8.09 -22.93
N LEU A 34 13.21 6.86 -22.69
CA LEU A 34 11.79 6.52 -22.89
C LEU A 34 10.94 6.76 -21.65
N SER A 35 11.61 6.97 -20.50
CA SER A 35 10.94 7.06 -19.23
C SER A 35 10.03 8.28 -19.18
N ARG A 36 8.81 8.10 -18.67
CA ARG A 36 7.88 9.21 -18.50
C ARG A 36 7.68 9.59 -17.02
N VAL A 37 8.64 9.27 -16.16
CA VAL A 37 8.45 9.55 -14.71
C VAL A 37 8.27 11.04 -14.37
N ASN A 38 8.76 11.93 -15.21
CA ASN A 38 8.48 13.34 -14.97
C ASN A 38 7.77 14.03 -16.13
N ASN A 39 6.93 13.26 -16.82
CA ASN A 39 6.16 13.78 -17.92
C ASN A 39 5.00 12.85 -18.27
N PHE A 40 3.97 12.87 -17.44
CA PHE A 40 2.87 11.94 -17.59
C PHE A 40 1.58 12.62 -17.19
N SER A 41 0.47 11.95 -17.48
CA SER A 41 -0.85 12.44 -17.18
C SER A 41 -1.56 11.46 -16.28
N ILE A 42 -2.36 11.99 -15.36
CA ILE A 42 -3.19 11.16 -14.51
C ILE A 42 -4.58 11.15 -15.09
N ILE A 43 -5.16 9.96 -15.24
CA ILE A 43 -6.56 9.82 -15.58
C ILE A 43 -7.26 9.49 -14.27
N GLU A 44 -7.95 10.47 -13.70
CA GLU A 44 -8.55 10.26 -12.40
C GLU A 44 -9.85 9.48 -12.54
N SER A 45 -9.96 8.39 -11.80
CA SER A 45 -11.01 7.41 -12.04
C SER A 45 -11.88 7.18 -10.79
N THR A 46 -11.85 8.11 -9.86
CA THR A 46 -12.79 8.07 -8.74
C THR A 46 -14.25 7.99 -9.21
N LEU A 47 -14.54 8.57 -10.37
CA LEU A 47 -15.93 8.58 -10.89
C LEU A 47 -16.17 7.49 -11.94
N ARG A 48 -15.22 6.56 -12.08
CA ARG A 48 -15.48 5.32 -12.82
C ARG A 48 -15.14 4.10 -11.95
N GLU A 49 -13.83 3.85 -11.75
CA GLU A 49 -13.38 2.81 -10.84
C GLU A 49 -13.96 3.00 -9.44
N GLY A 50 -13.88 4.23 -8.93
CA GLY A 50 -14.41 4.56 -7.60
C GLY A 50 -15.88 4.15 -7.41
N GLU A 51 -16.69 4.18 -8.47
CA GLU A 51 -18.09 3.77 -8.35
C GLU A 51 -18.23 2.29 -8.03
N GLN A 52 -17.19 1.50 -8.31
CA GLN A 52 -17.15 0.06 -7.95
C GLN A 52 -16.76 -0.19 -6.48
N PHE A 53 -16.44 0.88 -5.75
CA PHE A 53 -16.17 0.75 -4.33
C PHE A 53 -17.42 0.26 -3.62
N ALA A 54 -17.25 -0.71 -2.74
CA ALA A 54 -18.38 -1.35 -2.03
C ALA A 54 -19.37 -0.35 -1.45
N ASN A 55 -18.88 0.79 -0.97
CA ASN A 55 -19.77 1.76 -0.34
C ASN A 55 -19.96 3.09 -1.09
N ALA A 56 -19.69 3.10 -2.39
CA ALA A 56 -19.84 4.31 -3.20
C ALA A 56 -21.19 4.37 -3.91
N PHE A 57 -21.98 5.40 -3.61
CA PHE A 57 -23.29 5.63 -4.24
C PHE A 57 -23.45 7.12 -4.51
N PHE A 58 -22.53 7.66 -5.31
CA PHE A 58 -22.46 9.10 -5.58
C PHE A 58 -23.71 9.55 -6.32
N ASP A 59 -24.35 10.62 -5.85
CA ASP A 59 -25.42 11.24 -6.66
C ASP A 59 -24.80 12.32 -7.55
N THR A 60 -25.60 12.89 -8.46
CA THR A 60 -25.10 13.85 -9.45
C THR A 60 -24.32 14.99 -8.78
N GLU A 61 -24.88 15.49 -7.68
CA GLU A 61 -24.33 16.61 -6.96
C GLU A 61 -22.94 16.26 -6.40
N LYS A 62 -22.78 15.06 -5.84
CA LYS A 62 -21.50 14.63 -5.27
C LYS A 62 -20.42 14.42 -6.34
N LYS A 63 -20.82 13.81 -7.45
CA LYS A 63 -19.95 13.65 -8.61
C LYS A 63 -19.45 14.99 -9.14
N ILE A 64 -20.34 15.97 -9.18
CA ILE A 64 -19.99 17.31 -9.63
C ILE A 64 -19.01 17.99 -8.68
N GLN A 65 -19.23 17.84 -7.36
CA GLN A 65 -18.27 18.33 -6.37
C GLN A 65 -16.91 17.66 -6.56
N ILE A 66 -16.91 16.35 -6.81
CA ILE A 66 -15.66 15.60 -6.96
C ILE A 66 -14.94 16.02 -8.25
N ALA A 67 -15.68 16.12 -9.35
CA ALA A 67 -15.11 16.54 -10.63
C ALA A 67 -14.47 17.93 -10.54
N LYS A 68 -15.21 18.88 -9.97
CA LYS A 68 -14.68 20.23 -9.75
C LYS A 68 -13.42 20.24 -8.90
N ALA A 69 -13.40 19.48 -7.81
CA ALA A 69 -12.23 19.47 -6.91
C ALA A 69 -11.03 18.82 -7.59
N LEU A 70 -11.29 17.79 -8.40
CA LEU A 70 -10.25 17.12 -9.17
C LEU A 70 -9.63 18.05 -10.20
N ASP A 71 -10.48 18.85 -10.86
CA ASP A 71 -10.03 19.84 -11.86
C ASP A 71 -9.16 20.92 -11.22
N ASN A 72 -9.61 21.44 -10.07
CA ASN A 72 -8.82 22.43 -9.34
CA ASN A 72 -8.85 22.42 -9.33
C ASN A 72 -7.49 21.85 -8.89
N PHE A 73 -7.51 20.59 -8.43
CA PHE A 73 -6.29 19.89 -7.98
C PHE A 73 -5.24 19.78 -9.11
N GLY A 74 -5.69 19.59 -10.35
CA GLY A 74 -4.81 19.69 -11.51
C GLY A 74 -4.64 18.44 -12.35
N VAL A 75 -5.46 17.41 -12.13
CA VAL A 75 -5.42 16.22 -13.00
C VAL A 75 -5.82 16.60 -14.45
N ASP A 76 -5.15 15.98 -15.43
CA ASP A 76 -5.43 16.28 -16.83
C ASP A 76 -6.72 15.65 -17.38
N TYR A 77 -7.15 14.54 -16.80
CA TYR A 77 -8.36 13.83 -17.24
C TYR A 77 -9.13 13.31 -16.06
N ILE A 78 -10.44 13.25 -16.22
CA ILE A 78 -11.27 12.44 -15.34
C ILE A 78 -12.08 11.48 -16.19
N GLU A 79 -12.20 10.24 -15.71
CA GLU A 79 -12.97 9.26 -16.45
C GLU A 79 -14.23 8.96 -15.69
N LEU A 80 -15.31 8.80 -16.47
CA LEU A 80 -16.64 8.51 -15.94
C LEU A 80 -17.13 7.15 -16.40
N THR A 81 -17.91 6.52 -15.54
CA THR A 81 -18.70 5.34 -15.84
C THR A 81 -19.44 5.53 -17.16
N SER A 82 -19.34 4.53 -18.03
CA SER A 82 -20.05 4.49 -19.29
C SER A 82 -21.47 5.03 -19.17
N PRO A 83 -21.85 5.97 -20.07
CA PRO A 83 -23.20 6.53 -20.10
C PRO A 83 -24.23 5.45 -20.46
N VAL A 84 -23.75 4.31 -20.96
CA VAL A 84 -24.63 3.17 -21.27
C VAL A 84 -25.03 2.41 -20.01
N ALA A 85 -24.26 2.54 -18.93
CA ALA A 85 -24.52 1.80 -17.68
C ALA A 85 -25.96 1.93 -17.15
N SER A 86 -26.51 3.13 -17.22
CA SER A 86 -27.85 3.41 -16.74
C SER A 86 -28.22 4.83 -17.18
N GLU A 87 -29.50 5.16 -17.01
CA GLU A 87 -30.06 6.46 -17.34
C GLU A 87 -29.39 7.60 -16.59
N GLN A 88 -29.17 7.38 -15.28
CA GLN A 88 -28.52 8.38 -14.44
CA GLN A 88 -28.49 8.32 -14.39
C GLN A 88 -27.03 8.55 -14.81
N SER A 89 -26.34 7.47 -15.16
CA SER A 89 -24.98 7.56 -15.68
CA SER A 89 -24.97 7.54 -15.70
C SER A 89 -24.91 8.41 -16.96
N ARG A 90 -25.87 8.23 -17.89
CA ARG A 90 -25.94 9.03 -19.11
C ARG A 90 -26.09 10.52 -18.75
N GLN A 91 -27.03 10.82 -17.85
CA GLN A 91 -27.32 12.18 -17.40
C GLN A 91 -26.14 12.88 -16.70
N ASP A 92 -25.38 12.12 -15.90
CA ASP A 92 -24.30 12.66 -15.10
C ASP A 92 -23.09 12.98 -16.00
N CYS A 93 -22.85 12.10 -16.96
CA CYS A 93 -21.87 12.30 -18.01
C CYS A 93 -22.14 13.60 -18.74
N GLU A 94 -23.38 13.80 -19.21
CA GLU A 94 -23.77 15.04 -19.86
C GLU A 94 -23.55 16.26 -18.99
N ALA A 95 -23.98 16.18 -17.73
CA ALA A 95 -23.89 17.27 -16.78
C ALA A 95 -22.44 17.64 -16.48
N ILE A 96 -21.58 16.64 -16.35
CA ILE A 96 -20.16 16.87 -16.05
C ILE A 96 -19.44 17.54 -17.24
N CYS A 97 -19.80 17.15 -18.46
CA CYS A 97 -19.30 17.79 -19.66
C CYS A 97 -19.76 19.23 -19.86
N LYS A 98 -20.85 19.62 -19.20
CA LYS A 98 -21.33 21.01 -19.33
C LYS A 98 -20.68 21.96 -18.30
N LEU A 99 -19.81 21.42 -17.45
CA LEU A 99 -19.20 22.22 -16.37
C LEU A 99 -18.14 23.24 -16.80
N GLY A 100 -17.58 23.08 -18.01
CA GLY A 100 -16.47 23.94 -18.44
C GLY A 100 -15.15 23.67 -17.71
N LEU A 101 -14.96 22.44 -17.24
CA LEU A 101 -13.72 22.09 -16.56
C LEU A 101 -12.54 22.19 -17.52
N LYS A 102 -11.33 22.37 -16.98
CA LYS A 102 -10.12 22.38 -17.78
C LYS A 102 -9.67 20.97 -18.16
N CYS A 103 -9.70 20.03 -17.21
CA CYS A 103 -9.35 18.63 -17.51
C CYS A 103 -10.28 18.08 -18.59
N LYS A 104 -9.80 17.12 -19.37
CA LYS A 104 -10.66 16.47 -20.36
C LYS A 104 -11.51 15.41 -19.66
N ILE A 105 -12.73 15.22 -20.15
CA ILE A 105 -13.65 14.23 -19.60
C ILE A 105 -13.65 13.02 -20.53
N LEU A 106 -13.35 11.85 -19.96
CA LEU A 106 -13.27 10.62 -20.72
C LEU A 106 -14.38 9.70 -20.28
N THR A 107 -14.78 8.80 -21.15
CA THR A 107 -15.57 7.65 -20.73
C THR A 107 -15.13 6.43 -21.52
N HIS A 108 -15.80 5.30 -21.28
CA HIS A 108 -15.43 4.04 -21.90
C HIS A 108 -16.68 3.36 -22.43
N ILE A 109 -16.50 2.45 -23.37
CA ILE A 109 -17.62 1.67 -23.91
C ILE A 109 -17.19 0.24 -24.22
N ARG A 110 -18.17 -0.59 -24.55
CA ARG A 110 -17.92 -1.89 -25.14
C ARG A 110 -17.60 -1.66 -26.62
N CYS A 111 -16.97 -2.65 -27.24
CA CYS A 111 -16.71 -2.57 -28.66
C CYS A 111 -18.01 -2.87 -29.40
N HIS A 112 -18.92 -1.90 -29.32
CA HIS A 112 -20.21 -1.99 -29.97
CA HIS A 112 -20.29 -1.99 -29.84
C HIS A 112 -20.68 -0.62 -30.40
N MSE A 113 -21.26 -0.58 -31.60
CA MSE A 113 -21.72 0.65 -32.25
C MSE A 113 -22.76 1.46 -31.47
O MSE A 113 -22.69 2.69 -31.42
CB MSE A 113 -22.28 0.35 -33.66
CG MSE A 113 -21.21 0.21 -34.73
SE MSE A 113 -20.10 1.82 -34.86
CE MSE A 113 -21.37 3.03 -35.72
N ASP A 114 -23.75 0.76 -30.90
CA ASP A 114 -24.81 1.39 -30.11
C ASP A 114 -24.21 2.15 -28.92
N ASP A 115 -23.27 1.52 -28.23
CA ASP A 115 -22.54 2.18 -27.15
C ASP A 115 -21.88 3.44 -27.68
N ALA A 116 -21.17 3.33 -28.80
CA ALA A 116 -20.41 4.44 -29.35
C ALA A 116 -21.32 5.62 -29.70
N ARG A 117 -22.47 5.32 -30.31
CA ARG A 117 -23.47 6.35 -30.63
C ARG A 117 -23.91 7.12 -29.38
N VAL A 118 -24.24 6.40 -28.31
CA VAL A 118 -24.58 7.05 -27.04
C VAL A 118 -23.42 7.93 -26.54
N ALA A 119 -22.23 7.34 -26.37
CA ALA A 119 -21.07 8.06 -25.83
C ALA A 119 -20.75 9.37 -26.56
N VAL A 120 -20.73 9.34 -27.90
CA VAL A 120 -20.38 10.55 -28.68
C VAL A 120 -21.31 11.76 -28.45
N GLU A 121 -22.61 11.46 -28.29
N GLU A 121 -22.58 11.49 -28.21
CA GLU A 121 -23.65 12.48 -28.07
CA GLU A 121 -23.56 12.53 -28.06
C GLU A 121 -23.52 13.22 -26.73
C GLU A 121 -23.52 13.20 -26.72
N THR A 122 -22.83 12.60 -25.77
CA THR A 122 -22.77 13.11 -24.39
C THR A 122 -21.92 14.36 -24.16
N GLY A 123 -21.00 14.64 -25.08
CA GLY A 123 -20.11 15.80 -24.96
C GLY A 123 -18.71 15.49 -24.46
N VAL A 124 -18.40 14.21 -24.29
CA VAL A 124 -17.09 13.77 -23.76
C VAL A 124 -15.96 14.10 -24.72
N ASP A 125 -14.78 14.34 -24.15
CA ASP A 125 -13.60 14.61 -24.95
C ASP A 125 -12.96 13.34 -25.49
N GLY A 126 -13.26 12.20 -24.88
CA GLY A 126 -12.58 10.96 -25.25
C GLY A 126 -13.37 9.70 -24.92
N VAL A 127 -13.24 8.70 -25.78
CA VAL A 127 -13.94 7.43 -25.61
C VAL A 127 -12.95 6.25 -25.69
N ASP A 128 -12.95 5.41 -24.65
CA ASP A 128 -12.17 4.15 -24.61
C ASP A 128 -13.01 2.94 -25.07
N VAL A 129 -12.58 2.30 -26.16
CA VAL A 129 -13.14 1.05 -26.67
C VAL A 129 -12.43 -0.12 -26.00
N VAL A 130 -13.15 -0.87 -25.16
CA VAL A 130 -12.56 -1.91 -24.32
C VAL A 130 -12.96 -3.29 -24.85
N ILE A 131 -11.97 -4.17 -25.00
CA ILE A 131 -12.21 -5.58 -25.32
C ILE A 131 -11.56 -6.47 -24.25
N GLY A 132 -12.00 -7.73 -24.21
CA GLY A 132 -11.42 -8.70 -23.30
C GLY A 132 -11.02 -9.95 -24.05
N THR A 133 -9.76 -10.35 -23.94
CA THR A 133 -9.32 -11.65 -24.46
C THR A 133 -9.01 -12.66 -23.32
N THR A 147 -9.74 -11.31 -35.37
CA THR A 147 -10.16 -11.11 -36.77
C THR A 147 -11.55 -10.45 -36.91
N TYR A 148 -12.51 -10.89 -36.09
CA TYR A 148 -13.80 -10.21 -35.98
C TYR A 148 -13.70 -9.10 -34.94
N ILE A 149 -12.70 -9.21 -34.04
CA ILE A 149 -12.36 -8.13 -33.14
C ILE A 149 -11.91 -6.91 -33.96
N ILE A 150 -10.95 -7.14 -34.86
CA ILE A 150 -10.37 -6.06 -35.67
C ILE A 150 -11.42 -5.36 -36.57
N ASP A 151 -12.32 -6.15 -37.17
CA ASP A 151 -13.40 -5.60 -37.98
C ASP A 151 -14.39 -4.72 -37.20
N SER A 152 -14.90 -5.26 -36.08
CA SER A 152 -15.81 -4.52 -35.19
C SER A 152 -15.12 -3.26 -34.62
N ALA A 153 -13.92 -3.45 -34.08
CA ALA A 153 -13.10 -2.37 -33.53
C ALA A 153 -12.84 -1.27 -34.56
N THR A 154 -12.58 -1.65 -35.81
CA THR A 154 -12.37 -0.68 -36.88
C THR A 154 -13.58 0.23 -37.06
N GLU A 155 -14.77 -0.36 -37.17
CA GLU A 155 -16.00 0.42 -37.32
C GLU A 155 -16.16 1.42 -36.16
N VAL A 156 -16.08 0.92 -34.94
CA VAL A 156 -16.25 1.76 -33.75
C VAL A 156 -15.18 2.87 -33.67
N ILE A 157 -13.91 2.52 -33.89
CA ILE A 157 -12.82 3.52 -33.83
C ILE A 157 -13.03 4.65 -34.87
N ASN A 158 -13.28 4.27 -36.12
CA ASN A 158 -13.50 5.23 -37.20
C ASN A 158 -14.74 6.10 -37.02
N PHE A 159 -15.79 5.52 -36.43
CA PHE A 159 -16.95 6.31 -36.05
C PHE A 159 -16.61 7.42 -35.02
N VAL A 160 -15.89 7.03 -33.95
CA VAL A 160 -15.55 7.98 -32.90
C VAL A 160 -14.65 9.08 -33.45
N LYS A 161 -13.60 8.69 -34.18
CA LYS A 161 -12.72 9.65 -34.84
C LYS A 161 -13.48 10.61 -35.76
N SER A 162 -14.45 10.10 -36.52
CA SER A 162 -15.25 10.95 -37.42
C SER A 162 -16.11 12.00 -36.68
N LYS A 163 -16.19 11.89 -35.34
CA LYS A 163 -16.97 12.86 -34.58
C LYS A 163 -16.07 13.89 -33.93
N GLY A 164 -14.75 13.77 -34.17
CA GLY A 164 -13.77 14.71 -33.62
C GLY A 164 -13.39 14.38 -32.18
N ILE A 165 -13.76 13.18 -31.74
CA ILE A 165 -13.58 12.76 -30.37
C ILE A 165 -12.36 11.83 -30.27
N GLU A 166 -11.54 12.04 -29.24
CA GLU A 166 -10.37 11.22 -28.98
C GLU A 166 -10.78 9.76 -28.74
N VAL A 167 -10.07 8.85 -29.38
CA VAL A 167 -10.37 7.42 -29.24
C VAL A 167 -9.19 6.60 -28.69
N ARG A 168 -9.50 5.69 -27.80
CA ARG A 168 -8.50 4.82 -27.20
C ARG A 168 -9.02 3.40 -27.27
N PHE A 169 -8.10 2.44 -27.25
CA PHE A 169 -8.47 1.04 -27.35
C PHE A 169 -7.73 0.28 -26.29
N SER A 170 -8.48 -0.45 -25.48
CA SER A 170 -7.93 -1.07 -24.27
C SER A 170 -8.35 -2.52 -24.17
N SER A 171 -7.50 -3.28 -23.50
CA SER A 171 -7.82 -4.66 -23.15
C SER A 171 -8.03 -4.72 -21.65
N GLU A 172 -8.97 -5.56 -21.26
CA GLU A 172 -9.24 -5.85 -19.86
C GLU A 172 -8.49 -7.14 -19.47
N ASP A 173 -7.99 -7.18 -18.24
CA ASP A 173 -7.23 -8.33 -17.72
C ASP A 173 -6.06 -8.70 -18.67
N SER A 174 -5.29 -7.67 -19.04
CA SER A 174 -4.20 -7.78 -20.02
C SER A 174 -3.14 -8.81 -19.64
N PHE A 175 -2.92 -9.02 -18.33
CA PHE A 175 -1.81 -9.86 -17.83
C PHE A 175 -2.19 -11.33 -17.68
N ARG A 176 -3.45 -11.64 -17.95
CA ARG A 176 -3.87 -13.02 -18.03
C ARG A 176 -4.34 -13.33 -19.46
N SER A 177 -3.93 -12.50 -20.42
CA SER A 177 -4.28 -12.75 -21.83
C SER A 177 -3.08 -13.29 -22.57
N ASP A 178 -3.33 -13.92 -23.71
CA ASP A 178 -2.25 -14.38 -24.57
C ASP A 178 -1.48 -13.17 -25.10
N LEU A 179 -0.20 -13.10 -24.78
CA LEU A 179 0.66 -11.98 -25.13
C LEU A 179 0.73 -11.68 -26.62
N VAL A 180 0.99 -12.71 -27.41
CA VAL A 180 1.12 -12.54 -28.86
C VAL A 180 -0.15 -11.99 -29.49
N ASP A 181 -1.31 -12.53 -29.09
CA ASP A 181 -2.61 -12.03 -29.57
C ASP A 181 -2.87 -10.59 -29.15
N LEU A 182 -2.55 -10.29 -27.90
CA LEU A 182 -2.74 -8.95 -27.38
C LEU A 182 -1.89 -7.94 -28.16
N LEU A 183 -0.60 -8.26 -28.33
CA LEU A 183 0.36 -7.40 -29.02
C LEU A 183 -0.02 -7.25 -30.49
N SER A 184 -0.46 -8.34 -31.12
CA SER A 184 -0.97 -8.30 -32.51
C SER A 184 -2.20 -7.40 -32.64
N LEU A 185 -3.11 -7.48 -31.69
CA LEU A 185 -4.29 -6.61 -31.67
C LEU A 185 -3.93 -5.12 -31.55
N TYR A 186 -3.03 -4.78 -30.61
CA TYR A 186 -2.58 -3.40 -30.46
C TYR A 186 -1.90 -2.90 -31.73
N LYS A 187 -1.06 -3.75 -32.33
CA LYS A 187 -0.41 -3.43 -33.59
C LYS A 187 -1.43 -3.05 -34.68
N ALA A 188 -2.47 -3.87 -34.83
CA ALA A 188 -3.53 -3.62 -35.82
C ALA A 188 -4.30 -2.33 -35.56
N VAL A 189 -4.55 -2.05 -34.29
CA VAL A 189 -5.39 -0.92 -33.91
C VAL A 189 -4.58 0.39 -34.06
N ASP A 190 -3.27 0.28 -33.84
CA ASP A 190 -2.31 1.36 -34.10
C ASP A 190 -2.27 1.77 -35.56
N LYS A 191 -2.41 0.80 -36.47
CA LYS A 191 -2.42 1.09 -37.91
C LYS A 191 -3.73 1.77 -38.37
N ILE A 192 -4.87 1.34 -37.83
CA ILE A 192 -6.15 2.06 -38.00
C ILE A 192 -5.97 3.52 -37.55
N GLY A 193 -5.32 3.71 -36.41
CA GLY A 193 -5.11 5.03 -35.86
C GLY A 193 -6.03 5.24 -34.68
N VAL A 194 -5.45 5.26 -33.48
CA VAL A 194 -6.15 5.63 -32.26
C VAL A 194 -5.25 6.64 -31.56
N ASN A 195 -5.82 7.39 -30.63
CA ASN A 195 -5.03 8.28 -29.79
C ASN A 195 -4.16 7.55 -28.75
N ARG A 196 -4.72 6.52 -28.12
CA ARG A 196 -4.03 5.78 -27.08
C ARG A 196 -4.43 4.31 -27.06
N VAL A 197 -3.54 3.45 -26.56
CA VAL A 197 -3.93 2.09 -26.21
C VAL A 197 -3.86 1.89 -24.69
N GLY A 198 -4.67 0.97 -24.16
CA GLY A 198 -4.76 0.76 -22.72
C GLY A 198 -4.42 -0.65 -22.31
N ILE A 199 -3.70 -0.75 -21.20
CA ILE A 199 -3.34 -2.00 -20.55
C ILE A 199 -3.97 -1.95 -19.15
N ALA A 200 -4.50 -3.07 -18.68
CA ALA A 200 -5.18 -3.10 -17.39
C ALA A 200 -4.87 -4.38 -16.61
N ASP A 201 -4.33 -4.25 -15.41
CA ASP A 201 -4.23 -5.41 -14.53
C ASP A 201 -5.49 -5.48 -13.68
N THR A 202 -6.55 -5.97 -14.29
CA THR A 202 -7.88 -5.98 -13.73
C THR A 202 -7.95 -6.91 -12.50
N VAL A 203 -7.11 -7.95 -12.47
CA VAL A 203 -7.18 -8.98 -11.42
C VAL A 203 -6.23 -8.71 -10.22
N GLY A 204 -5.24 -7.83 -10.39
CA GLY A 204 -4.24 -7.54 -9.36
C GLY A 204 -3.15 -8.59 -9.19
N CYS A 205 -2.72 -9.23 -10.28
CA CYS A 205 -1.70 -10.28 -10.19
C CYS A 205 -0.34 -9.86 -10.75
N ALA A 206 -0.29 -8.75 -11.48
CA ALA A 206 0.95 -8.36 -12.14
C ALA A 206 2.03 -7.90 -11.16
N THR A 207 3.28 -8.17 -11.52
CA THR A 207 4.42 -7.78 -10.69
C THR A 207 5.18 -6.68 -11.44
N PRO A 208 5.92 -5.80 -10.71
CA PRO A 208 6.59 -4.64 -11.33
C PRO A 208 7.50 -4.93 -12.55
N ARG A 209 8.34 -5.95 -12.48
CA ARG A 209 9.24 -6.22 -13.60
C ARG A 209 8.49 -6.77 -14.82
N GLN A 210 7.41 -7.49 -14.56
CA GLN A 210 6.54 -8.00 -15.62
C GLN A 210 5.83 -6.82 -16.31
N VAL A 211 5.33 -5.89 -15.51
CA VAL A 211 4.78 -4.65 -16.02
C VAL A 211 5.80 -3.86 -16.88
N TYR A 212 7.00 -3.64 -16.35
CA TYR A 212 8.05 -2.94 -17.10
C TYR A 212 8.28 -3.58 -18.48
N ASP A 213 8.45 -4.91 -18.48
N ASP A 213 8.44 -4.92 -18.47
CA ASP A 213 8.78 -5.66 -19.69
CA ASP A 213 8.76 -5.70 -19.65
C ASP A 213 7.65 -5.61 -20.72
C ASP A 213 7.65 -5.58 -20.70
N LEU A 214 6.39 -5.74 -20.27
CA LEU A 214 5.26 -5.64 -21.16
C LEU A 214 5.09 -4.23 -21.77
N ILE A 215 5.15 -3.20 -20.94
CA ILE A 215 4.96 -1.83 -21.41
C ILE A 215 6.09 -1.45 -22.37
N ARG A 216 7.30 -1.86 -22.03
CA ARG A 216 8.45 -1.58 -22.86
C ARG A 216 8.35 -2.29 -24.23
N THR A 217 7.86 -3.52 -24.27
CA THR A 217 7.51 -4.15 -25.55
C THR A 217 6.39 -3.40 -26.31
N LEU A 218 5.32 -3.06 -25.62
CA LEU A 218 4.23 -2.30 -26.24
C LEU A 218 4.73 -0.96 -26.83
N ARG A 219 5.61 -0.28 -26.11
CA ARG A 219 6.19 0.98 -26.57
C ARG A 219 6.96 0.81 -27.90
N GLY A 220 7.46 -0.39 -28.19
CA GLY A 220 8.17 -0.66 -29.42
C GLY A 220 7.22 -1.17 -30.52
N VAL A 221 5.99 -1.49 -30.15
CA VAL A 221 5.01 -2.06 -31.07
C VAL A 221 4.08 -0.95 -31.62
N VAL A 222 3.71 0.01 -30.77
CA VAL A 222 2.77 1.06 -31.17
C VAL A 222 3.47 2.41 -31.17
N SER A 223 2.89 3.36 -31.88
CA SER A 223 3.48 4.69 -31.95
C SER A 223 2.67 5.70 -31.16
N CYS A 224 1.59 5.26 -30.54
CA CYS A 224 0.68 6.18 -29.85
C CYS A 224 0.98 6.19 -28.35
N ASP A 225 0.24 7.00 -27.60
CA ASP A 225 0.34 7.05 -26.12
C ASP A 225 -0.23 5.77 -25.47
N ILE A 226 0.10 5.56 -24.20
CA ILE A 226 -0.26 4.31 -23.54
C ILE A 226 -0.84 4.62 -22.17
N GLU A 227 -2.09 4.20 -21.94
CA GLU A 227 -2.71 4.39 -20.63
C GLU A 227 -2.75 3.09 -19.85
N CYS A 228 -2.57 3.18 -18.53
CA CYS A 228 -2.46 1.99 -17.68
C CYS A 228 -3.41 1.98 -16.50
N HIS A 229 -3.73 0.79 -16.00
CA HIS A 229 -4.67 0.62 -14.91
C HIS A 229 -4.27 -0.58 -14.06
N PHE A 230 -3.99 -0.35 -12.78
CA PHE A 230 -3.47 -1.40 -11.91
C PHE A 230 -4.27 -1.64 -10.62
N HIS A 231 -4.77 -2.85 -10.43
CA HIS A 231 -5.42 -3.21 -9.16
C HIS A 231 -4.44 -3.60 -8.06
N ASN A 232 -4.86 -3.42 -6.81
CA ASN A 232 -3.94 -3.45 -5.67
C ASN A 232 -4.04 -4.70 -4.78
N ASP A 233 -4.60 -5.78 -5.30
CA ASP A 233 -4.87 -6.96 -4.50
C ASP A 233 -3.62 -7.51 -3.79
N THR A 234 -2.46 -7.40 -4.46
CA THR A 234 -1.22 -7.98 -3.91
C THR A 234 -0.24 -6.89 -3.54
N GLY A 235 -0.72 -5.64 -3.44
CA GLY A 235 0.12 -4.52 -2.99
C GLY A 235 1.02 -3.91 -4.06
N MSE A 236 0.73 -4.16 -5.33
CA MSE A 236 1.66 -3.75 -6.40
C MSE A 236 1.20 -2.52 -7.18
O MSE A 236 1.88 -2.10 -8.10
CB MSE A 236 1.85 -4.87 -7.41
CG MSE A 236 2.24 -6.22 -6.88
SE MSE A 236 4.07 -6.22 -6.18
CE MSE A 236 3.74 -6.10 -4.25
N ALA A 237 0.03 -1.96 -6.86
CA ALA A 237 -0.59 -1.00 -7.78
C ALA A 237 0.22 0.28 -8.02
N ILE A 238 0.90 0.76 -6.98
CA ILE A 238 1.77 1.93 -7.09
C ILE A 238 3.09 1.61 -7.78
N ALA A 239 3.74 0.51 -7.36
CA ALA A 239 4.98 0.04 -8.01
C ALA A 239 4.79 -0.22 -9.52
N ASN A 240 3.66 -0.82 -9.84
CA ASN A 240 3.30 -1.16 -11.22
C ASN A 240 3.14 0.12 -12.06
N ALA A 241 2.48 1.13 -11.49
CA ALA A 241 2.35 2.45 -12.14
C ALA A 241 3.72 3.08 -12.37
N TYR A 242 4.57 3.03 -11.34
CA TYR A 242 5.91 3.55 -11.45
C TYR A 242 6.71 2.94 -12.59
N CYS A 243 6.74 1.60 -12.64
CA CYS A 243 7.49 0.85 -13.65
C CYS A 243 6.88 1.04 -15.05
N ALA A 244 5.55 1.18 -15.13
CA ALA A 244 4.87 1.49 -16.38
C ALA A 244 5.39 2.81 -16.95
N LEU A 245 5.46 3.84 -16.11
CA LEU A 245 6.00 5.15 -16.49
C LEU A 245 7.49 5.07 -16.89
N GLU A 246 8.29 4.35 -16.11
CA GLU A 246 9.70 4.11 -16.49
C GLU A 246 9.80 3.50 -17.88
N ALA A 247 8.85 2.62 -18.21
CA ALA A 247 8.88 1.88 -19.48
C ALA A 247 8.30 2.68 -20.65
N GLY A 248 7.78 3.88 -20.38
CA GLY A 248 7.18 4.68 -21.44
C GLY A 248 5.67 4.93 -21.48
N ALA A 249 4.91 4.36 -20.54
CA ALA A 249 3.48 4.67 -20.43
C ALA A 249 3.32 6.16 -20.17
N THR A 250 2.21 6.74 -20.64
CA THR A 250 2.05 8.19 -20.62
C THR A 250 0.89 8.61 -19.69
N HIS A 251 0.01 7.67 -19.38
CA HIS A 251 -1.25 7.98 -18.67
C HIS A 251 -1.46 6.91 -17.60
N ILE A 252 -1.73 7.32 -16.37
CA ILE A 252 -1.96 6.37 -15.29
C ILE A 252 -3.33 6.64 -14.65
N ASP A 253 -4.18 5.61 -14.55
CA ASP A 253 -5.42 5.69 -13.74
C ASP A 253 -5.11 5.71 -12.25
N THR A 254 -5.77 6.60 -11.53
CA THR A 254 -5.76 6.59 -10.08
C THR A 254 -7.19 6.72 -9.54
N SER A 255 -7.37 6.49 -8.25
CA SER A 255 -8.58 6.93 -7.63
C SER A 255 -8.25 7.43 -6.23
N ILE A 256 -9.11 8.30 -5.74
CA ILE A 256 -8.88 8.92 -4.45
C ILE A 256 -8.98 7.83 -3.39
N LEU A 257 -7.93 7.75 -2.57
CA LEU A 257 -7.78 6.72 -1.57
C LEU A 257 -7.70 5.31 -2.16
N GLY A 258 -7.46 5.21 -3.47
CA GLY A 258 -7.43 3.91 -4.15
C GLY A 258 -8.80 3.24 -4.32
N ILE A 259 -9.89 3.92 -3.95
CA ILE A 259 -11.18 3.21 -3.86
C ILE A 259 -11.58 2.59 -5.18
N GLY A 260 -12.12 1.38 -5.10
CA GLY A 260 -12.58 0.71 -6.31
C GLY A 260 -13.07 -0.67 -5.98
N GLU A 261 -13.16 -1.48 -7.02
CA GLU A 261 -13.51 -2.87 -6.93
C GLU A 261 -12.48 -3.55 -6.03
N ARG A 262 -12.95 -4.38 -5.10
CA ARG A 262 -12.10 -5.06 -4.10
C ARG A 262 -11.32 -4.03 -3.27
N ASN A 263 -10.00 -4.19 -3.10
CA ASN A 263 -9.19 -3.16 -2.40
C ASN A 263 -8.70 -2.02 -3.34
N GLY A 264 -9.23 -1.97 -4.57
CA GLY A 264 -9.05 -0.80 -5.45
C GLY A 264 -7.77 -0.75 -6.25
N ILE A 265 -7.37 0.46 -6.63
CA ILE A 265 -6.34 0.64 -7.65
C ILE A 265 -5.25 1.57 -7.13
N THR A 266 -4.35 1.99 -8.01
CA THR A 266 -3.33 2.97 -7.66
C THR A 266 -4.00 4.19 -6.98
N PRO A 267 -3.68 4.45 -5.69
CA PRO A 267 -4.22 5.67 -5.02
C PRO A 267 -3.61 6.98 -5.54
N LEU A 268 -4.44 8.03 -5.66
CA LEU A 268 -3.99 9.32 -6.17
C LEU A 268 -2.81 9.87 -5.34
N GLY A 269 -3.01 9.96 -4.03
CA GLY A 269 -1.99 10.50 -3.15
C GLY A 269 -0.71 9.68 -3.13
N ALA A 270 -0.83 8.36 -3.17
CA ALA A 270 0.34 7.48 -3.12
C ALA A 270 1.16 7.62 -4.41
N LEU A 271 0.51 7.72 -5.56
CA LEU A 271 1.25 7.95 -6.83
C LEU A 271 2.03 9.25 -6.76
N LEU A 272 1.39 10.31 -6.26
CA LEU A 272 2.01 11.63 -6.20
C LEU A 272 3.16 11.65 -5.20
N ALA A 273 3.06 10.93 -4.08
CA ALA A 273 4.19 10.82 -3.13
C ALA A 273 5.38 10.16 -3.83
N ARG A 274 5.14 9.07 -4.52
CA ARG A 274 6.20 8.39 -5.27
C ARG A 274 6.80 9.30 -6.36
N MSE A 275 5.94 9.97 -7.13
CA MSE A 275 6.40 10.78 -8.25
C MSE A 275 7.07 12.05 -7.76
O MSE A 275 8.00 12.58 -8.40
CB MSE A 275 5.22 11.10 -9.20
CG MSE A 275 4.52 9.87 -9.76
SE MSE A 275 5.82 8.46 -10.19
CE MSE A 275 4.71 6.89 -9.87
N TYR A 276 6.62 12.53 -6.62
CA TYR A 276 7.25 13.67 -5.93
C TYR A 276 8.69 13.34 -5.54
N VAL A 277 8.94 12.15 -5.00
CA VAL A 277 10.33 11.77 -4.64
C VAL A 277 11.21 11.71 -5.88
N THR A 278 10.64 11.23 -6.96
CA THR A 278 11.38 11.17 -8.23
C THR A 278 11.66 12.57 -8.80
N ASP A 279 10.66 13.46 -8.79
CA ASP A 279 10.87 14.81 -9.34
C ASP A 279 9.96 15.79 -8.61
N ARG A 280 10.50 16.37 -7.55
N ARG A 280 10.51 16.36 -7.56
CA ARG A 280 9.74 17.23 -6.66
CA ARG A 280 9.82 17.23 -6.63
C ARG A 280 9.25 18.50 -7.34
C ARG A 280 9.28 18.48 -7.32
N GLU A 281 10.12 19.13 -8.13
CA GLU A 281 9.74 20.37 -8.80
CA GLU A 281 9.76 20.36 -8.83
C GLU A 281 8.59 20.15 -9.79
N TYR A 282 8.61 19.05 -10.51
CA TYR A 282 7.54 18.74 -11.46
C TYR A 282 6.19 18.53 -10.75
N ILE A 283 6.18 17.72 -9.71
CA ILE A 283 4.94 17.37 -9.03
C ILE A 283 4.36 18.54 -8.21
N THR A 284 5.21 19.25 -7.46
CA THR A 284 4.72 20.35 -6.61
C THR A 284 4.13 21.51 -7.43
N HIS A 285 4.67 21.75 -8.61
CA HIS A 285 4.12 22.78 -9.50
C HIS A 285 2.97 22.31 -10.39
N LYS A 286 2.81 21.02 -10.62
CA LYS A 286 1.72 20.58 -11.49
C LYS A 286 0.40 20.37 -10.73
N TYR A 287 0.51 19.96 -9.46
CA TYR A 287 -0.67 19.62 -8.65
C TYR A 287 -0.75 20.50 -7.43
N LYS A 288 -1.97 20.69 -6.93
CA LYS A 288 -2.15 21.48 -5.72
C LYS A 288 -2.13 20.57 -4.52
N LEU A 289 -0.92 20.18 -4.12
CA LEU A 289 -0.72 19.10 -3.17
C LEU A 289 -1.30 19.40 -1.80
N ASN A 290 -1.38 20.69 -1.45
CA ASN A 290 -1.98 21.09 -0.19
C ASN A 290 -3.49 20.93 -0.12
N GLN A 291 -4.10 20.57 -1.26
N GLN A 291 -4.13 20.60 -1.26
CA GLN A 291 -5.53 20.32 -1.34
CA GLN A 291 -5.56 20.33 -1.27
C GLN A 291 -5.89 18.84 -1.20
C GLN A 291 -5.86 18.84 -1.44
N LEU A 292 -4.86 17.99 -1.16
CA LEU A 292 -5.04 16.53 -1.15
C LEU A 292 -5.88 16.00 0.01
N ARG A 293 -5.66 16.50 1.23
CA ARG A 293 -6.46 16.13 2.40
CA ARG A 293 -6.46 16.12 2.39
C ARG A 293 -7.95 16.42 2.18
N GLU A 294 -8.26 17.63 1.72
CA GLU A 294 -9.68 18.03 1.50
C GLU A 294 -10.32 17.18 0.41
N LEU A 295 -9.53 16.84 -0.60
CA LEU A 295 -9.99 16.03 -1.70
C LEU A 295 -10.36 14.63 -1.18
N GLU A 296 -9.48 14.07 -0.36
CA GLU A 296 -9.70 12.75 0.26
C GLU A 296 -10.83 12.80 1.27
N ASN A 297 -10.92 13.89 2.04
CA ASN A 297 -11.95 14.03 3.05
C ASN A 297 -13.34 14.08 2.41
N LEU A 298 -13.42 14.74 1.25
CA LEU A 298 -14.65 14.80 0.46
C LEU A 298 -15.12 13.39 0.06
N VAL A 299 -14.19 12.55 -0.42
CA VAL A 299 -14.54 11.20 -0.83
C VAL A 299 -14.80 10.31 0.39
N ALA A 300 -13.96 10.42 1.42
CA ALA A 300 -14.12 9.63 2.64
C ALA A 300 -15.47 9.86 3.33
N ASP A 301 -15.96 11.10 3.35
CA ASP A 301 -17.28 11.40 3.90
CA ASP A 301 -17.27 11.38 3.90
C ASP A 301 -18.36 10.73 3.05
N ALA A 302 -18.20 10.78 1.73
CA ALA A 302 -19.24 10.26 0.82
C ALA A 302 -19.35 8.72 0.86
N VAL A 303 -18.21 8.05 1.02
CA VAL A 303 -18.20 6.59 1.00
C VAL A 303 -18.10 6.05 2.41
N GLU A 304 -18.18 6.96 3.39
CA GLU A 304 -18.24 6.63 4.81
C GLU A 304 -17.10 5.75 5.35
N VAL A 305 -15.86 6.15 5.11
CA VAL A 305 -14.70 5.46 5.67
C VAL A 305 -13.81 6.42 6.48
N GLN A 306 -12.85 5.84 7.22
CA GLN A 306 -11.87 6.63 7.92
CA GLN A 306 -11.86 6.63 7.94
C GLN A 306 -10.67 6.80 7.01
N ILE A 307 -9.88 7.84 7.24
CA ILE A 307 -8.60 7.95 6.56
C ILE A 307 -7.67 7.03 7.35
N PRO A 308 -7.16 5.97 6.69
CA PRO A 308 -6.25 5.01 7.35
C PRO A 308 -5.01 5.66 7.98
N PHE A 309 -4.67 5.24 9.20
CA PHE A 309 -3.54 5.81 9.95
C PHE A 309 -2.23 5.82 9.16
N ASN A 310 -2.02 4.78 8.34
CA ASN A 310 -0.82 4.57 7.53
CA ASN A 310 -0.79 4.63 7.56
C ASN A 310 -0.92 5.16 6.12
N ASN A 311 -2.01 5.89 5.83
CA ASN A 311 -2.27 6.44 4.49
C ASN A 311 -1.12 7.37 4.06
N TYR A 312 -0.71 7.22 2.80
CA TYR A 312 0.40 7.97 2.23
C TYR A 312 0.15 9.48 2.36
N ILE A 313 1.17 10.18 2.86
CA ILE A 313 1.10 11.63 3.08
C ILE A 313 0.16 12.05 4.20
N THR A 314 -1.13 11.70 4.07
CA THR A 314 -2.20 12.30 4.86
C THR A 314 -2.64 11.48 6.07
N GLY A 315 -2.17 10.24 6.20
CA GLY A 315 -2.47 9.43 7.37
C GLY A 315 -1.88 10.02 8.65
N MSE A 316 -2.55 9.75 9.77
CA MSE A 316 -2.08 10.11 11.11
C MSE A 316 -0.58 9.93 11.28
O MSE A 316 0.09 10.82 11.78
CB MSE A 316 -2.78 9.24 12.18
CG MSE A 316 -4.09 9.77 12.69
SE MSE A 316 -3.90 11.49 13.67
CE MSE A 316 -2.97 10.92 15.31
N CYS A 317 -0.06 8.81 10.82
CA CYS A 317 1.31 8.48 11.18
CA CYS A 317 1.30 8.37 11.12
C CYS A 317 2.35 8.70 10.07
N ALA A 318 1.91 9.23 8.92
CA ALA A 318 2.83 9.39 7.78
C ALA A 318 3.98 10.36 8.05
N PHE A 319 3.68 11.42 8.80
CA PHE A 319 4.70 12.41 9.17
C PHE A 319 4.99 12.33 10.68
N THR A 320 5.33 11.13 11.16
CA THR A 320 5.70 10.94 12.57
C THR A 320 7.04 10.23 12.71
N HIS A 321 7.79 10.57 13.75
CA HIS A 321 9.00 9.83 14.15
C HIS A 321 8.80 9.36 15.58
N LYS A 322 9.37 8.20 15.92
CA LYS A 322 9.39 7.83 17.33
C LYS A 322 10.60 8.42 18.02
N ALA A 323 10.35 9.19 19.07
CA ALA A 323 11.41 9.72 19.90
C ALA A 323 11.48 8.81 21.12
N GLY A 324 12.66 8.67 21.71
CA GLY A 324 12.79 7.84 22.92
C GLY A 324 13.62 6.60 22.67
N ILE A 325 13.55 5.63 23.59
CA ILE A 325 14.40 4.44 23.50
C ILE A 325 14.10 3.58 22.27
N HIS A 326 12.89 3.73 21.71
CA HIS A 326 12.47 2.99 20.53
C HIS A 326 13.20 3.45 19.27
N ALA A 327 13.66 4.71 19.28
CA ALA A 327 14.42 5.27 18.15
C ALA A 327 15.78 4.58 17.99
N LYS A 328 16.24 3.89 19.04
CA LYS A 328 17.50 3.14 18.98
C LYS A 328 17.35 1.81 18.24
N ALA A 329 16.20 1.60 17.62
CA ALA A 329 16.00 0.47 16.73
C ALA A 329 16.70 0.76 15.39
N ILE A 330 17.06 2.03 15.18
CA ILE A 330 17.92 2.49 14.07
C ILE A 330 19.14 3.28 14.58
N LEU A 331 20.12 3.50 13.70
CA LEU A 331 21.38 4.17 14.08
C LEU A 331 21.32 5.69 14.05
N ALA A 332 20.79 6.27 12.98
CA ALA A 332 20.76 7.72 12.84
C ALA A 332 19.58 8.36 13.60
N ASN A 333 19.67 9.67 13.86
CA ASN A 333 18.53 10.46 14.32
CA ASN A 333 18.52 10.45 14.32
C ASN A 333 17.34 10.22 13.37
N PRO A 334 16.13 9.95 13.93
CA PRO A 334 14.96 9.76 13.03
C PRO A 334 14.76 10.84 11.95
N SER A 335 15.09 12.11 12.26
CA SER A 335 14.90 13.20 11.30
C SER A 335 15.83 13.13 10.05
N THR A 336 16.81 12.23 10.06
CA THR A 336 17.60 11.88 8.86
C THR A 336 16.72 11.30 7.72
N TYR A 337 15.57 10.72 8.08
CA TYR A 337 14.77 9.99 7.10
C TYR A 337 13.45 10.73 6.89
N GLU A 338 13.48 11.70 5.98
CA GLU A 338 12.33 12.55 5.68
C GLU A 338 12.19 12.73 4.16
N ILE A 339 11.99 11.63 3.45
CA ILE A 339 11.88 11.68 2.00
C ILE A 339 10.74 12.69 1.58
N LEU A 340 9.67 12.73 2.39
CA LEU A 340 8.58 13.66 2.13
C LEU A 340 8.72 14.84 3.08
N LYS A 341 8.65 16.05 2.51
CA LYS A 341 8.72 17.28 3.27
C LYS A 341 7.29 17.77 3.56
N PRO A 342 6.93 17.92 4.86
CA PRO A 342 5.54 18.22 5.25
C PRO A 342 4.99 19.47 4.58
N GLU A 343 5.82 20.52 4.52
CA GLU A 343 5.44 21.83 3.95
CA GLU A 343 5.44 21.81 3.95
C GLU A 343 5.03 21.73 2.48
N ASP A 344 5.56 20.75 1.75
CA ASP A 344 5.14 20.56 0.36
C ASP A 344 3.69 20.07 0.23
N PHE A 345 3.18 19.46 1.30
CA PHE A 345 1.87 18.85 1.32
C PHE A 345 0.90 19.62 2.21
N GLY A 346 1.28 20.83 2.59
CA GLY A 346 0.41 21.71 3.36
C GLY A 346 0.51 21.47 4.85
N MSE A 347 1.54 20.77 5.30
CA MSE A 347 1.68 20.49 6.72
C MSE A 347 2.90 21.10 7.35
O MSE A 347 3.80 21.54 6.65
CB MSE A 347 1.63 19.00 6.97
CG MSE A 347 0.20 18.55 6.95
SE MSE A 347 0.24 16.67 6.85
CE MSE A 347 0.47 16.44 4.90
N SER A 348 2.95 21.14 8.67
CA SER A 348 3.93 21.98 9.31
C SER A 348 5.22 21.29 9.79
N ARG A 349 5.15 19.99 10.06
CA ARG A 349 6.32 19.26 10.58
C ARG A 349 6.02 17.78 10.73
N TYR A 350 7.06 16.99 10.94
CA TYR A 350 6.94 15.67 11.53
C TYR A 350 6.65 15.81 13.01
N VAL A 351 5.74 14.99 13.53
CA VAL A 351 5.52 14.94 14.97
C VAL A 351 6.47 13.90 15.56
N HIS A 352 7.25 14.32 16.55
CA HIS A 352 8.17 13.44 17.26
C HIS A 352 7.50 12.89 18.51
N VAL A 353 7.13 11.62 18.49
CA VAL A 353 6.37 11.04 19.59
C VAL A 353 7.26 10.42 20.65
N GLY A 354 7.18 10.95 21.86
CA GLY A 354 7.96 10.45 22.97
C GLY A 354 7.15 9.61 23.94
N SER A 355 5.85 9.84 23.96
CA SER A 355 4.97 9.22 24.95
C SER A 355 3.59 9.27 24.35
N ARG A 356 2.65 8.47 24.86
CA ARG A 356 1.30 8.40 24.28
CA ARG A 356 1.30 8.42 24.26
C ARG A 356 0.60 9.77 24.33
N LEU A 357 0.20 10.27 23.15
CA LEU A 357 -0.52 11.54 23.03
C LEU A 357 -1.99 11.29 23.28
N THR A 358 -2.46 11.59 24.49
CA THR A 358 -3.88 11.37 24.83
C THR A 358 -4.60 12.69 25.06
N GLY A 359 -5.89 12.71 24.72
CA GLY A 359 -6.77 13.83 25.05
C GLY A 359 -6.66 15.01 24.12
N TRP A 360 -6.61 16.20 24.71
CA TRP A 360 -6.51 17.46 23.97
CA TRP A 360 -6.53 17.42 23.94
C TRP A 360 -5.11 17.67 23.40
N ASN A 361 -4.12 17.03 24.03
CA ASN A 361 -2.74 17.04 23.54
C ASN A 361 -2.67 16.40 22.17
N ALA A 362 -3.41 15.30 22.01
CA ALA A 362 -3.48 14.57 20.74
C ALA A 362 -4.08 15.45 19.64
N ILE A 363 -5.20 16.08 19.98
CA ILE A 363 -5.94 16.94 19.05
C ILE A 363 -5.10 18.13 18.62
N LYS A 364 -4.54 18.83 19.61
CA LYS A 364 -3.70 20.01 19.39
CA LYS A 364 -3.69 20.01 19.38
C LYS A 364 -2.49 19.68 18.49
N SER A 365 -1.85 18.54 18.75
CA SER A 365 -0.67 18.13 17.99
C SER A 365 -1.03 17.92 16.52
N ARG A 366 -2.06 17.12 16.26
CA ARG A 366 -2.48 16.86 14.91
C ARG A 366 -2.98 18.13 14.23
N ALA A 367 -3.84 18.89 14.92
CA ALA A 367 -4.42 20.14 14.37
C ALA A 367 -3.37 21.16 13.94
N GLU A 368 -2.27 21.25 14.67
CA GLU A 368 -1.20 22.19 14.30
CA GLU A 368 -1.17 22.17 14.33
C GLU A 368 -0.31 21.62 13.21
N GLN A 369 -0.15 20.30 13.16
CA GLN A 369 0.59 19.64 12.07
C GLN A 369 -0.14 19.90 10.74
N LEU A 370 -1.47 19.87 10.80
CA LEU A 370 -2.35 20.11 9.66
C LEU A 370 -2.55 21.60 9.31
N ASN A 371 -2.01 22.51 10.13
CA ASN A 371 -2.17 23.95 9.92
C ASN A 371 -3.63 24.42 10.02
N LEU A 372 -4.41 23.79 10.90
CA LEU A 372 -5.78 24.24 11.17
C LEU A 372 -5.67 25.31 12.21
N HIS A 373 -6.44 26.38 12.06
CA HIS A 373 -6.36 27.42 13.08
C HIS A 373 -7.62 27.43 13.91
N LEU A 374 -7.45 27.00 15.15
CA LEU A 374 -8.56 26.68 16.05
C LEU A 374 -8.70 27.71 17.17
N GLN A 378 -13.87 27.04 18.54
CA GLN A 378 -13.70 25.81 17.74
C GLN A 378 -13.10 24.65 18.55
N ALA A 379 -12.22 24.97 19.50
CA ALA A 379 -11.74 23.98 20.46
C ALA A 379 -12.79 23.73 21.53
N LYS A 380 -13.89 24.50 21.48
CA LYS A 380 -15.06 24.32 22.34
C LYS A 380 -16.12 23.41 21.70
N GLU A 381 -16.08 23.32 20.37
CA GLU A 381 -16.93 22.38 19.62
C GLU A 381 -16.31 20.98 19.61
N LEU A 382 -14.97 20.94 19.54
CA LEU A 382 -14.21 19.69 19.55
C LEU A 382 -14.09 19.12 20.95
N THR A 383 -14.44 19.94 21.94
CA THR A 383 -14.53 19.49 23.32
C THR A 383 -15.92 18.89 23.56
N VAL A 384 -16.88 19.30 22.75
CA VAL A 384 -18.28 18.89 22.87
C VAL A 384 -18.62 17.59 22.13
N ARG A 385 -17.71 17.12 21.26
CA ARG A 385 -17.97 15.86 20.56
CA ARG A 385 -17.91 15.88 20.49
C ARG A 385 -17.11 14.68 21.02
N ILE A 386 -16.05 14.95 21.78
CA ILE A 386 -15.31 13.87 22.44
C ILE A 386 -15.97 13.54 23.79
N LYS A 387 -16.67 14.52 24.35
CA LYS A 387 -17.56 14.30 25.51
C LYS A 387 -18.77 13.43 25.12
N LYS A 388 -19.06 13.39 23.82
CA LYS A 388 -20.09 12.50 23.26
C LYS A 388 -19.48 11.19 22.73
N LEU A 389 -18.17 11.03 22.90
CA LEU A 389 -17.46 9.78 22.62
C LEU A 389 -16.67 9.31 23.86
N ALA A 390 -17.30 9.41 25.03
CA ALA A 390 -16.67 9.00 26.29
C ALA A 390 -16.63 7.48 26.45
N VAL A 392 -20.11 7.86 24.58
CA VAL A 392 -20.74 6.73 23.89
C VAL A 392 -19.86 5.48 23.81
N ARG A 393 -18.55 5.65 23.60
CA ARG A 393 -17.63 4.52 23.48
C ARG A 393 -16.18 4.87 23.78
N THR A 394 -15.37 3.85 24.03
CA THR A 394 -13.91 3.99 24.15
C THR A 394 -13.30 4.65 22.89
N LEU A 395 -12.56 5.73 23.11
CA LEU A 395 -11.96 6.54 22.03
C LEU A 395 -10.51 6.15 21.71
N ALA A 396 -10.14 6.20 20.43
CA ALA A 396 -8.84 5.67 19.96
C ALA A 396 -8.19 6.38 18.73
N MSE A 397 -6.86 6.25 18.60
CA MSE A 397 -5.99 7.06 17.68
C MSE A 397 -6.54 7.62 16.37
O MSE A 397 -6.27 8.77 16.03
CB MSE A 397 -4.67 6.30 17.36
CG MSE A 397 -3.51 7.22 16.90
SE MSE A 397 -2.18 6.45 15.66
CE MSE A 397 -0.69 7.67 16.03
N ASP A 398 -7.27 6.80 15.62
CA ASP A 398 -7.74 7.24 14.29
C ASP A 398 -8.90 8.24 14.37
N ASP A 399 -9.48 8.38 15.55
CA ASP A 399 -10.60 9.30 15.75
C ASP A 399 -10.16 10.76 15.81
N VAL A 400 -8.88 10.98 16.14
CA VAL A 400 -8.27 12.30 16.08
C VAL A 400 -8.50 12.93 14.70
N ASP A 401 -8.11 12.21 13.65
CA ASP A 401 -8.33 12.69 12.29
C ASP A 401 -9.82 12.76 11.93
N ARG A 402 -10.61 11.83 12.47
CA ARG A 402 -12.06 11.79 12.21
C ARG A 402 -12.78 13.02 12.77
N VAL A 403 -12.49 13.41 14.01
CA VAL A 403 -13.16 14.59 14.58
C VAL A 403 -12.61 15.89 13.97
N LEU A 404 -11.39 15.84 13.42
CA LEU A 404 -10.81 17.01 12.77
C LEU A 404 -11.21 17.21 11.30
N ARG A 405 -11.96 16.26 10.73
CA ARG A 405 -12.33 16.30 9.30
C ARG A 405 -13.15 17.54 8.91
N GLU A 406 -14.09 17.91 9.77
CA GLU A 406 -14.89 19.11 9.66
C GLU A 406 -14.09 20.44 9.57
N TYR A 407 -12.74 20.39 9.68
CA TYR A 407 -11.95 21.63 9.76
C TYR A 407 -10.94 21.84 8.63
N HIS A 408 -10.77 23.11 8.23
CA HIS A 408 -9.96 23.50 7.06
C HIS A 408 -8.74 24.34 7.42
N ALA A 409 -7.68 24.20 6.63
CA ALA A 409 -6.42 24.91 6.87
C ALA A 409 -6.43 26.35 6.34
N ASN B 29 14.71 -19.07 -18.44
CA ASN B 29 15.54 -17.92 -17.96
C ASN B 29 16.44 -18.37 -16.80
N PRO B 30 17.77 -18.41 -17.03
CA PRO B 30 18.71 -18.81 -15.96
C PRO B 30 18.51 -18.08 -14.64
N SER B 31 18.10 -16.81 -14.67
CA SER B 31 18.02 -16.02 -13.44
C SER B 31 16.88 -16.45 -12.51
N ASP B 32 15.88 -17.17 -13.06
CA ASP B 32 14.82 -17.76 -12.24
C ASP B 32 15.36 -18.81 -11.27
N PHE B 33 16.52 -19.37 -11.56
CA PHE B 33 17.14 -20.33 -10.68
C PHE B 33 17.51 -19.72 -9.33
N LEU B 34 17.76 -18.41 -9.30
CA LEU B 34 18.16 -17.73 -8.08
C LEU B 34 16.98 -17.23 -7.26
N SER B 35 15.79 -17.24 -7.85
CA SER B 35 14.63 -16.62 -7.23
C SER B 35 14.28 -17.35 -5.95
N ARG B 36 13.96 -16.62 -4.89
CA ARG B 36 13.54 -17.23 -3.64
C ARG B 36 12.03 -17.03 -3.35
N VAL B 37 11.24 -16.77 -4.38
CA VAL B 37 9.81 -16.45 -4.15
C VAL B 37 8.99 -17.57 -3.49
N ASN B 38 9.39 -18.82 -3.66
CA ASN B 38 8.72 -19.87 -2.92
C ASN B 38 9.64 -20.63 -1.96
N ASN B 39 10.63 -19.90 -1.42
CA ASN B 39 11.59 -20.48 -0.50
C ASN B 39 12.33 -19.38 0.26
N PHE B 40 11.65 -18.81 1.24
CA PHE B 40 12.20 -17.69 2.00
C PHE B 40 11.70 -17.71 3.43
N SER B 41 12.27 -16.84 4.25
CA SER B 41 11.94 -16.71 5.65
C SER B 41 11.48 -15.29 5.93
N ILE B 42 10.51 -15.17 6.81
CA ILE B 42 10.07 -13.88 7.31
C ILE B 42 10.78 -13.61 8.64
N ILE B 43 11.36 -12.42 8.75
CA ILE B 43 11.84 -11.92 10.04
C ILE B 43 10.80 -10.94 10.53
N GLU B 44 10.00 -11.38 11.49
CA GLU B 44 8.90 -10.55 11.92
C GLU B 44 9.41 -9.49 12.88
N SER B 45 9.09 -8.23 12.59
CA SER B 45 9.73 -7.11 13.27
C SER B 45 8.72 -6.19 13.97
N THR B 46 7.55 -6.73 14.26
CA THR B 46 6.56 -6.01 15.07
C THR B 46 7.16 -5.57 16.42
N LEU B 47 8.09 -6.37 16.96
CA LEU B 47 8.71 -6.08 18.29
C LEU B 47 10.09 -5.43 18.16
N ARG B 48 10.44 -5.00 16.95
CA ARG B 48 11.56 -4.09 16.76
C ARG B 48 11.09 -2.85 16.00
N GLU B 49 10.88 -2.98 14.67
CA GLU B 49 10.33 -1.89 13.84
C GLU B 49 9.01 -1.37 14.41
N GLY B 50 8.13 -2.28 14.79
CA GLY B 50 6.83 -1.93 15.34
C GLY B 50 6.88 -1.05 16.58
N GLU B 51 7.92 -1.20 17.40
CA GLU B 51 8.08 -0.32 18.56
C GLU B 51 8.31 1.14 18.17
N GLN B 52 8.70 1.38 16.91
CA GLN B 52 8.85 2.76 16.38
C GLN B 52 7.53 3.36 15.87
N PHE B 53 6.47 2.56 15.88
CA PHE B 53 5.15 3.08 15.53
C PHE B 53 4.76 4.17 16.51
N ALA B 54 4.16 5.24 15.98
CA ALA B 54 3.83 6.43 16.81
C ALA B 54 3.08 6.10 18.11
N ASN B 55 2.22 5.08 18.05
CA ASN B 55 1.38 4.75 19.20
C ASN B 55 1.67 3.38 19.86
N ALA B 56 2.87 2.86 19.64
CA ALA B 56 3.23 1.56 20.22
C ALA B 56 4.03 1.72 21.52
N PHE B 57 3.49 1.16 22.61
CA PHE B 57 4.12 1.21 23.94
C PHE B 57 3.88 -0.15 24.60
N PHE B 58 4.39 -1.19 23.94
CA PHE B 58 4.16 -2.57 24.37
C PHE B 58 4.82 -2.80 25.73
N ASP B 59 4.08 -3.38 26.68
CA ASP B 59 4.71 -3.85 27.92
C ASP B 59 5.12 -5.31 27.74
N THR B 60 5.83 -5.87 28.72
CA THR B 60 6.34 -7.24 28.65
C THR B 60 5.26 -8.24 28.29
N GLU B 61 4.12 -8.13 28.98
CA GLU B 61 3.00 -9.06 28.78
C GLU B 61 2.50 -9.03 27.32
N LYS B 62 2.38 -7.84 26.74
CA LYS B 62 1.87 -7.69 25.36
C LYS B 62 2.86 -8.22 24.32
N LYS B 63 4.15 -7.95 24.54
CA LYS B 63 5.20 -8.48 23.68
C LYS B 63 5.17 -10.00 23.69
N ILE B 64 4.94 -10.56 24.86
CA ILE B 64 4.87 -12.02 25.05
C ILE B 64 3.67 -12.62 24.31
N GLN B 65 2.51 -11.97 24.41
CA GLN B 65 1.35 -12.38 23.62
C GLN B 65 1.66 -12.30 22.13
N ILE B 66 2.34 -11.23 21.71
CA ILE B 66 2.66 -11.06 20.27
C ILE B 66 3.66 -12.12 19.80
N ALA B 67 4.71 -12.36 20.59
CA ALA B 67 5.73 -13.33 20.23
C ALA B 67 5.16 -14.74 20.09
N LYS B 68 4.34 -15.15 21.05
CA LYS B 68 3.62 -16.42 21.00
C LYS B 68 2.69 -16.55 19.80
N ALA B 69 1.90 -15.52 19.53
CA ALA B 69 0.98 -15.55 18.40
C ALA B 69 1.73 -15.61 17.06
N LEU B 70 2.87 -14.93 16.98
CA LEU B 70 3.69 -14.94 15.77
C LEU B 70 4.32 -16.29 15.52
N ASP B 71 4.74 -16.93 16.60
CA ASP B 71 5.31 -18.29 16.57
C ASP B 71 4.26 -19.32 16.13
N ASN B 72 3.05 -19.20 16.69
N ASN B 72 3.04 -19.22 16.69
CA ASN B 72 1.93 -20.04 16.31
CA ASN B 72 1.94 -20.09 16.26
C ASN B 72 1.57 -19.85 14.83
C ASN B 72 1.62 -19.86 14.79
N PHE B 73 1.64 -18.60 14.37
CA PHE B 73 1.35 -18.24 12.97
C PHE B 73 2.34 -18.89 11.97
N GLY B 74 3.59 -19.05 12.39
CA GLY B 74 4.58 -19.84 11.64
C GLY B 74 5.77 -19.08 11.08
N VAL B 75 5.99 -17.84 11.51
CA VAL B 75 7.18 -17.08 11.06
C VAL B 75 8.45 -17.77 11.59
N ASP B 76 9.51 -17.74 10.78
CA ASP B 76 10.77 -18.40 11.20
C ASP B 76 11.59 -17.62 12.21
N TYR B 77 11.46 -16.29 12.18
CA TYR B 77 12.22 -15.45 13.09
C TYR B 77 11.36 -14.33 13.59
N ILE B 78 11.73 -13.88 14.79
CA ILE B 78 11.17 -12.71 15.41
C ILE B 78 12.34 -11.82 15.80
N GLU B 79 12.29 -10.54 15.44
CA GLU B 79 13.35 -9.63 15.85
C GLU B 79 12.88 -8.68 16.95
N LEU B 80 13.79 -8.47 17.90
CA LEU B 80 13.54 -7.62 19.07
C LEU B 80 14.45 -6.41 19.07
N THR B 81 13.88 -5.30 19.53
CA THR B 81 14.62 -4.11 19.90
C THR B 81 15.85 -4.48 20.71
N SER B 82 16.99 -3.92 20.31
CA SER B 82 18.26 -4.07 20.99
C SER B 82 18.12 -4.04 22.52
N PRO B 83 18.70 -5.04 23.22
CA PRO B 83 18.65 -5.08 24.68
C PRO B 83 19.47 -3.94 25.31
N VAL B 84 20.29 -3.28 24.50
CA VAL B 84 21.04 -2.08 24.92
C VAL B 84 20.15 -0.83 24.97
N ALA B 85 18.98 -0.88 24.32
CA ALA B 85 18.09 0.30 24.23
C ALA B 85 17.69 0.88 25.59
N SER B 86 17.39 -0.01 26.53
CA SER B 86 16.91 0.38 27.84
C SER B 86 16.89 -0.88 28.69
N GLU B 87 16.74 -0.66 30.00
CA GLU B 87 16.66 -1.72 30.99
C GLU B 87 15.49 -2.66 30.75
N GLN B 88 14.34 -2.10 30.32
CA GLN B 88 13.14 -2.87 29.97
C GLN B 88 13.35 -3.73 28.70
N SER B 89 13.99 -3.19 27.65
CA SER B 89 14.36 -3.99 26.48
C SER B 89 15.26 -5.18 26.83
N ARG B 90 16.27 -4.98 27.71
CA ARG B 90 17.13 -6.12 28.10
C ARG B 90 16.28 -7.24 28.73
N GLN B 91 15.43 -6.86 29.70
CA GLN B 91 14.55 -7.79 30.41
C GLN B 91 13.56 -8.52 29.49
N ASP B 92 12.93 -7.79 28.57
CA ASP B 92 11.98 -8.36 27.64
C ASP B 92 12.66 -9.30 26.63
N CYS B 93 13.87 -8.94 26.22
CA CYS B 93 14.67 -9.77 25.33
C CYS B 93 14.92 -11.11 26.01
N GLU B 94 15.37 -11.05 27.27
CA GLU B 94 15.63 -12.25 28.07
C GLU B 94 14.39 -13.10 28.30
N ALA B 95 13.28 -12.45 28.64
CA ALA B 95 12.02 -13.14 28.89
C ALA B 95 11.52 -13.85 27.64
N ILE B 96 11.67 -13.22 26.48
CA ILE B 96 11.17 -13.79 25.24
C ILE B 96 11.98 -15.02 24.82
N CYS B 97 13.30 -14.96 25.06
CA CYS B 97 14.19 -16.10 24.85
C CYS B 97 13.95 -17.27 25.81
N LYS B 98 13.27 -17.02 26.93
CA LYS B 98 12.95 -18.12 27.87
C LYS B 98 11.60 -18.80 27.55
N LEU B 99 10.92 -18.36 26.49
CA LEU B 99 9.60 -18.92 26.17
C LEU B 99 9.59 -20.33 25.55
N GLY B 100 10.72 -20.78 25.01
CA GLY B 100 10.76 -22.03 24.27
C GLY B 100 10.00 -21.99 22.94
N LEU B 101 10.00 -20.83 22.28
CA LEU B 101 9.32 -20.71 20.99
C LEU B 101 10.06 -21.52 19.94
N LYS B 102 9.36 -21.89 18.86
CA LYS B 102 10.00 -22.58 17.74
C LYS B 102 10.80 -21.62 16.87
N CYS B 103 10.24 -20.43 16.59
CA CYS B 103 10.92 -19.44 15.77
C CYS B 103 12.22 -19.00 16.47
N LYS B 104 13.19 -18.58 15.69
CA LYS B 104 14.44 -18.08 16.25
CA LYS B 104 14.44 -18.08 16.26
C LYS B 104 14.25 -16.64 16.72
N ILE B 105 14.92 -16.26 17.79
CA ILE B 105 14.80 -14.90 18.32
C ILE B 105 16.06 -14.13 17.95
N LEU B 106 15.87 -12.98 17.31
CA LEU B 106 16.97 -12.18 16.82
C LEU B 106 16.94 -10.85 17.51
N THR B 107 18.11 -10.21 17.60
CA THR B 107 18.16 -8.81 17.93
C THR B 107 19.29 -8.15 17.13
N HIS B 108 19.50 -6.86 17.35
CA HIS B 108 20.46 -6.11 16.58
C HIS B 108 21.29 -5.27 17.54
N ILE B 109 22.46 -4.84 17.09
CA ILE B 109 23.31 -3.97 17.89
C ILE B 109 24.05 -2.99 16.98
N ARG B 110 24.68 -2.01 17.62
CA ARG B 110 25.68 -1.17 16.98
C ARG B 110 26.95 -1.98 16.83
N CYS B 111 27.82 -1.54 15.93
CA CYS B 111 29.12 -2.16 15.76
C CYS B 111 30.05 -1.78 16.91
N HIS B 112 29.85 -2.44 18.05
CA HIS B 112 30.53 -2.09 19.28
C HIS B 112 30.52 -3.26 20.24
N MSE B 113 31.69 -3.55 20.80
CA MSE B 113 31.92 -4.68 21.70
C MSE B 113 31.03 -4.77 22.94
O MSE B 113 30.62 -5.86 23.33
CB MSE B 113 33.39 -4.72 22.13
CG MSE B 113 34.33 -5.37 21.11
SE MSE B 113 33.85 -7.24 20.74
CE MSE B 113 34.45 -8.08 22.40
N ASP B 114 30.75 -3.61 23.56
CA ASP B 114 29.93 -3.58 24.79
C ASP B 114 28.50 -3.97 24.44
N ASP B 115 28.01 -3.49 23.30
CA ASP B 115 26.70 -3.90 22.80
C ASP B 115 26.67 -5.41 22.61
N ALA B 116 27.68 -5.96 21.96
CA ALA B 116 27.74 -7.39 21.68
C ALA B 116 27.74 -8.23 22.95
N ARG B 117 28.52 -7.79 23.94
CA ARG B 117 28.59 -8.47 25.23
C ARG B 117 27.21 -8.57 25.89
N VAL B 118 26.46 -7.46 25.88
CA VAL B 118 25.08 -7.50 26.37
C VAL B 118 24.21 -8.49 25.57
N ALA B 119 24.14 -8.31 24.23
CA ALA B 119 23.29 -9.14 23.38
C ALA B 119 23.49 -10.65 23.56
N VAL B 120 24.74 -11.11 23.56
CA VAL B 120 25.05 -12.55 23.65
C VAL B 120 24.55 -13.26 24.93
N GLU B 121 24.57 -12.52 26.05
CA GLU B 121 24.15 -13.08 27.34
CA GLU B 121 24.15 -13.06 27.36
C GLU B 121 22.63 -13.17 27.51
N THR B 122 21.88 -12.52 26.61
CA THR B 122 20.41 -12.50 26.69
C THR B 122 19.71 -13.80 26.26
N GLY B 123 20.42 -14.68 25.56
CA GLY B 123 19.85 -15.95 25.09
C GLY B 123 19.36 -15.96 23.65
N VAL B 124 19.59 -14.86 22.94
CA VAL B 124 19.14 -14.75 21.53
C VAL B 124 19.85 -15.73 20.61
N ASP B 125 19.14 -16.17 19.57
CA ASP B 125 19.71 -17.05 18.57
C ASP B 125 20.59 -16.31 17.55
N GLY B 126 20.41 -15.00 17.42
CA GLY B 126 21.09 -14.24 16.38
C GLY B 126 21.26 -12.77 16.69
N VAL B 127 22.40 -12.22 16.28
CA VAL B 127 22.71 -10.81 16.49
C VAL B 127 23.05 -10.13 15.14
N ASP B 128 22.38 -9.02 14.85
CA ASP B 128 22.69 -8.20 13.66
C ASP B 128 23.60 -7.02 14.04
N VAL B 129 24.81 -7.01 13.46
CA VAL B 129 25.76 -5.90 13.59
C VAL B 129 25.45 -4.88 12.49
N VAL B 130 25.01 -3.68 12.88
CA VAL B 130 24.50 -2.67 11.95
C VAL B 130 25.50 -1.51 11.86
N ILE B 131 25.80 -1.08 10.64
CA ILE B 131 26.60 0.11 10.38
C ILE B 131 25.86 1.09 9.44
N GLY B 132 26.27 2.34 9.44
CA GLY B 132 25.73 3.33 8.53
C GLY B 132 26.85 4.02 7.79
N THR B 133 26.78 4.01 6.47
CA THR B 133 27.70 4.82 5.65
C THR B 133 26.99 6.05 5.06
N THR B 147 37.00 0.39 6.34
CA THR B 147 38.35 0.95 6.58
C THR B 147 38.81 0.72 8.05
N TYR B 148 38.24 1.49 8.98
CA TYR B 148 38.29 1.18 10.42
C TYR B 148 36.99 0.43 10.78
N ILE B 149 36.03 0.50 9.86
CA ILE B 149 34.79 -0.28 9.94
C ILE B 149 35.12 -1.78 9.93
N ILE B 150 35.95 -2.20 8.98
CA ILE B 150 36.25 -3.62 8.77
C ILE B 150 36.92 -4.27 9.98
N ASP B 151 37.89 -3.58 10.59
CA ASP B 151 38.63 -4.14 11.71
CA ASP B 151 38.64 -4.10 11.73
C ASP B 151 37.79 -4.18 12.98
N SER B 152 37.00 -3.13 13.23
CA SER B 152 36.04 -3.08 14.34
C SER B 152 34.94 -4.14 14.18
N ALA B 153 34.35 -4.20 12.99
CA ALA B 153 33.35 -5.22 12.65
C ALA B 153 33.89 -6.64 12.79
N THR B 154 35.16 -6.84 12.41
CA THR B 154 35.83 -8.14 12.55
C THR B 154 35.84 -8.61 14.01
N GLU B 155 36.22 -7.70 14.92
CA GLU B 155 36.22 -8.03 16.33
C GLU B 155 34.82 -8.44 16.79
N VAL B 156 33.83 -7.62 16.46
CA VAL B 156 32.45 -7.85 16.88
C VAL B 156 31.90 -9.17 16.30
N ILE B 157 32.08 -9.38 15.00
CA ILE B 157 31.60 -10.60 14.34
C ILE B 157 32.22 -11.86 14.96
N ASN B 158 33.56 -11.89 15.07
CA ASN B 158 34.26 -13.05 15.64
C ASN B 158 33.91 -13.34 17.10
N PHE B 159 33.66 -12.28 17.88
CA PHE B 159 33.18 -12.45 19.25
C PHE B 159 31.85 -13.21 19.30
N VAL B 160 30.87 -12.74 18.52
CA VAL B 160 29.54 -13.34 18.47
C VAL B 160 29.60 -14.79 18.00
N LYS B 161 30.34 -15.04 16.90
CA LYS B 161 30.55 -16.41 16.44
C LYS B 161 31.18 -17.30 17.51
N SER B 162 32.12 -16.77 18.29
CA SER B 162 32.74 -17.53 19.39
C SER B 162 31.72 -17.97 20.46
N LYS B 163 30.55 -17.33 20.52
CA LYS B 163 29.54 -17.70 21.51
C LYS B 163 28.55 -18.71 20.97
N GLY B 164 28.75 -19.11 19.71
CA GLY B 164 27.85 -20.05 19.04
C GLY B 164 26.55 -19.41 18.57
N ILE B 165 26.55 -18.08 18.48
CA ILE B 165 25.36 -17.33 18.11
C ILE B 165 25.48 -16.88 16.63
N GLU B 166 24.38 -17.02 15.90
CA GLU B 166 24.30 -16.56 14.52
C GLU B 166 24.60 -15.06 14.41
N VAL B 167 25.46 -14.70 13.46
CA VAL B 167 25.80 -13.29 13.25
C VAL B 167 25.45 -12.77 11.85
N ARG B 168 24.92 -11.55 11.82
CA ARG B 168 24.57 -10.87 10.57
C ARG B 168 25.17 -9.47 10.56
N PHE B 169 25.38 -8.94 9.37
CA PHE B 169 26.01 -7.63 9.19
C PHE B 169 25.18 -6.84 8.21
N SER B 170 24.73 -5.67 8.64
CA SER B 170 23.75 -4.90 7.86
C SER B 170 24.17 -3.47 7.72
N SER B 171 23.69 -2.85 6.64
CA SER B 171 23.87 -1.43 6.46
C SER B 171 22.53 -0.77 6.64
N GLU B 172 22.57 0.42 7.23
CA GLU B 172 21.40 1.26 7.34
C GLU B 172 21.36 2.24 6.16
N ASP B 173 20.15 2.52 5.65
CA ASP B 173 19.97 3.45 4.53
C ASP B 173 20.84 3.07 3.32
N SER B 174 20.77 1.79 2.96
CA SER B 174 21.64 1.18 1.95
C SER B 174 21.54 1.87 0.59
N PHE B 175 20.38 2.44 0.26
CA PHE B 175 20.13 2.98 -1.09
C PHE B 175 20.53 4.45 -1.23
N ARG B 176 20.97 5.07 -0.14
CA ARG B 176 21.53 6.39 -0.22
C ARG B 176 23.00 6.32 0.18
N SER B 177 23.61 5.14 0.03
CA SER B 177 25.05 4.99 0.35
C SER B 177 25.82 4.80 -0.94
N ASP B 178 27.12 5.06 -0.86
CA ASP B 178 27.99 4.81 -1.99
C ASP B 178 28.03 3.31 -2.28
N LEU B 179 27.61 2.98 -3.49
CA LEU B 179 27.40 1.60 -3.93
C LEU B 179 28.66 0.75 -3.88
N VAL B 180 29.75 1.25 -4.43
CA VAL B 180 31.03 0.54 -4.43
C VAL B 180 31.59 0.32 -3.01
N ASP B 181 31.49 1.33 -2.14
CA ASP B 181 31.92 1.18 -0.76
C ASP B 181 31.06 0.15 -0.02
N LEU B 182 29.76 0.19 -0.27
CA LEU B 182 28.85 -0.76 0.34
C LEU B 182 29.18 -2.21 -0.05
N LEU B 183 29.34 -2.43 -1.35
CA LEU B 183 29.60 -3.76 -1.93
C LEU B 183 30.96 -4.28 -1.49
N SER B 184 31.96 -3.40 -1.43
CA SER B 184 33.29 -3.74 -0.92
C SER B 184 33.25 -4.16 0.55
N LEU B 185 32.42 -3.48 1.35
CA LEU B 185 32.24 -3.82 2.77
C LEU B 185 31.57 -5.20 2.96
N TYR B 186 30.48 -5.47 2.22
CA TYR B 186 29.85 -6.78 2.25
C TYR B 186 30.83 -7.89 1.85
N LYS B 187 31.59 -7.63 0.78
CA LYS B 187 32.61 -8.55 0.29
C LYS B 187 33.60 -8.95 1.41
N ALA B 188 34.14 -7.96 2.12
CA ALA B 188 35.10 -8.19 3.20
C ALA B 188 34.48 -8.94 4.38
N VAL B 189 33.23 -8.60 4.69
CA VAL B 189 32.55 -9.19 5.83
C VAL B 189 32.19 -10.65 5.53
N ASP B 190 31.92 -10.91 4.26
CA ASP B 190 31.68 -12.27 3.75
C ASP B 190 32.91 -13.17 3.91
N LYS B 191 34.11 -12.61 3.71
CA LYS B 191 35.37 -13.34 3.88
C LYS B 191 35.64 -13.67 5.37
N ILE B 192 35.36 -12.72 6.26
CA ILE B 192 35.41 -12.97 7.72
C ILE B 192 34.49 -14.16 8.08
N GLY B 193 33.39 -14.31 7.38
CA GLY B 193 32.45 -15.37 7.68
C GLY B 193 31.36 -14.83 8.57
N VAL B 194 30.17 -14.71 8.01
CA VAL B 194 29.03 -14.20 8.68
C VAL B 194 27.85 -15.05 8.16
N ASN B 195 26.80 -15.22 8.95
CA ASN B 195 25.63 -15.99 8.53
C ASN B 195 24.79 -15.30 7.45
N ARG B 196 24.60 -13.99 7.58
CA ARG B 196 23.77 -13.21 6.68
C ARG B 196 24.26 -11.79 6.54
N VAL B 197 24.01 -11.18 5.38
CA VAL B 197 24.16 -9.74 5.25
C VAL B 197 22.77 -9.09 5.06
N GLY B 198 22.67 -7.83 5.49
CA GLY B 198 21.40 -7.12 5.47
C GLY B 198 21.46 -5.84 4.65
N ILE B 199 20.39 -5.59 3.91
CA ILE B 199 20.15 -4.39 3.12
C ILE B 199 18.89 -3.72 3.69
N ALA B 200 18.87 -2.40 3.79
CA ALA B 200 17.73 -1.70 4.35
C ALA B 200 17.43 -0.40 3.60
N ASP B 201 16.21 -0.27 3.08
CA ASP B 201 15.75 1.02 2.59
C ASP B 201 15.06 1.78 3.72
N THR B 202 15.90 2.38 4.56
CA THR B 202 15.48 3.02 5.79
C THR B 202 14.66 4.27 5.48
N VAL B 203 14.90 4.91 4.33
CA VAL B 203 14.27 6.18 3.99
C VAL B 203 12.95 6.04 3.16
N GLY B 204 12.72 4.88 2.54
CA GLY B 204 11.57 4.65 1.64
C GLY B 204 11.66 5.28 0.26
N CYS B 205 12.85 5.29 -0.34
CA CYS B 205 13.06 5.93 -1.65
C CYS B 205 13.33 4.93 -2.77
N ALA B 206 13.68 3.69 -2.41
CA ALA B 206 14.05 2.69 -3.41
C ALA B 206 12.87 2.25 -4.27
N THR B 207 13.18 1.96 -5.52
CA THR B 207 12.16 1.52 -6.46
C THR B 207 12.43 0.03 -6.77
N PRO B 208 11.42 -0.73 -7.22
CA PRO B 208 11.55 -2.17 -7.44
C PRO B 208 12.70 -2.64 -8.36
N ARG B 209 12.89 -2.01 -9.50
CA ARG B 209 13.95 -2.46 -10.40
C ARG B 209 15.32 -2.14 -9.84
N GLN B 210 15.40 -1.07 -9.06
CA GLN B 210 16.63 -0.69 -8.41
C GLN B 210 16.95 -1.70 -7.31
N VAL B 211 15.93 -2.12 -6.58
CA VAL B 211 16.08 -3.19 -5.58
C VAL B 211 16.54 -4.51 -6.24
N TYR B 212 15.89 -4.90 -7.33
CA TYR B 212 16.24 -6.13 -8.04
C TYR B 212 17.72 -6.11 -8.42
N ASP B 213 18.15 -5.01 -9.05
N ASP B 213 18.15 -5.00 -9.03
CA ASP B 213 19.51 -4.86 -9.56
CA ASP B 213 19.50 -4.81 -9.57
C ASP B 213 20.54 -4.95 -8.43
C ASP B 213 20.58 -4.84 -8.48
N LEU B 214 20.28 -4.23 -7.33
CA LEU B 214 21.20 -4.26 -6.19
C LEU B 214 21.31 -5.64 -5.52
N ILE B 215 20.19 -6.29 -5.27
CA ILE B 215 20.18 -7.61 -4.62
C ILE B 215 20.85 -8.65 -5.53
N ARG B 216 20.60 -8.55 -6.83
CA ARG B 216 21.19 -9.45 -7.81
C ARG B 216 22.72 -9.29 -7.86
N THR B 217 23.22 -8.05 -7.78
CA THR B 217 24.66 -7.82 -7.62
C THR B 217 25.21 -8.36 -6.29
N LEU B 218 24.52 -8.07 -5.19
CA LEU B 218 24.92 -8.60 -3.90
C LEU B 218 24.99 -10.15 -3.87
N ARG B 219 24.00 -10.79 -4.48
CA ARG B 219 23.97 -12.24 -4.63
C ARG B 219 25.23 -12.78 -5.36
N GLY B 220 25.79 -12.00 -6.28
CA GLY B 220 27.02 -12.36 -6.95
C GLY B 220 28.29 -11.98 -6.20
N VAL B 221 28.15 -11.17 -5.16
CA VAL B 221 29.31 -10.68 -4.40
C VAL B 221 29.54 -11.54 -3.15
N VAL B 222 28.45 -11.96 -2.49
CA VAL B 222 28.59 -12.70 -1.23
C VAL B 222 28.12 -14.13 -1.40
N SER B 223 28.52 -15.01 -0.49
CA SER B 223 28.14 -16.42 -0.58
C SER B 223 27.10 -16.78 0.48
N CYS B 224 26.70 -15.80 1.30
CA CYS B 224 25.80 -16.08 2.42
C CYS B 224 24.37 -15.64 2.10
N ASP B 225 23.45 -15.87 3.05
CA ASP B 225 22.05 -15.43 2.94
C ASP B 225 21.92 -13.90 2.99
N ILE B 226 20.77 -13.38 2.58
CA ILE B 226 20.60 -11.93 2.48
C ILE B 226 19.28 -11.56 3.12
N GLU B 227 19.30 -10.69 4.13
CA GLU B 227 18.07 -10.16 4.72
C GLU B 227 17.75 -8.73 4.27
N CYS B 228 16.44 -8.43 4.11
CA CYS B 228 16.01 -7.16 3.54
C CYS B 228 14.97 -6.43 4.36
N HIS B 229 14.99 -5.09 4.27
CA HIS B 229 14.14 -4.26 5.09
C HIS B 229 13.71 -3.06 4.26
N PHE B 230 12.39 -2.91 4.05
CA PHE B 230 11.88 -1.88 3.15
C PHE B 230 10.84 -0.95 3.76
N HIS B 231 11.10 0.35 3.79
CA HIS B 231 10.09 1.31 4.26
C HIS B 231 9.08 1.71 3.18
N ASN B 232 7.90 2.12 3.60
CA ASN B 232 6.75 2.21 2.68
C ASN B 232 6.34 3.65 2.32
N ASP B 233 7.21 4.61 2.54
CA ASP B 233 6.86 6.03 2.32
C ASP B 233 6.29 6.32 0.93
N THR B 234 6.79 5.60 -0.09
CA THR B 234 6.34 5.87 -1.45
C THR B 234 5.55 4.69 -2.02
N GLY B 235 5.08 3.80 -1.15
CA GLY B 235 4.21 2.69 -1.59
C GLY B 235 4.92 1.49 -2.20
N MSE B 236 6.24 1.40 -1.98
CA MSE B 236 7.05 0.36 -2.65
C MSE B 236 7.40 -0.83 -1.74
O MSE B 236 8.05 -1.77 -2.19
CB MSE B 236 8.36 0.95 -3.17
CG MSE B 236 8.26 2.18 -4.05
SE MSE B 236 7.39 1.77 -5.75
CE MSE B 236 5.64 2.55 -5.50
N ALA B 237 7.01 -0.80 -0.48
CA ALA B 237 7.55 -1.77 0.48
C ALA B 237 7.29 -3.26 0.14
N ILE B 238 6.10 -3.57 -0.38
CA ILE B 238 5.76 -4.94 -0.76
C ILE B 238 6.42 -5.33 -2.10
N ALA B 239 6.35 -4.43 -3.09
CA ALA B 239 6.99 -4.63 -4.38
C ALA B 239 8.50 -4.83 -4.26
N ASN B 240 9.13 -4.03 -3.41
CA ASN B 240 10.56 -4.08 -3.16
C ASN B 240 10.94 -5.43 -2.53
N ALA B 241 10.11 -5.89 -1.58
CA ALA B 241 10.27 -7.22 -0.98
C ALA B 241 10.15 -8.33 -2.03
N TYR B 242 9.15 -8.23 -2.89
CA TYR B 242 8.95 -9.17 -3.97
C TYR B 242 10.16 -9.29 -4.91
N CYS B 243 10.65 -8.15 -5.38
CA CYS B 243 11.80 -8.09 -6.28
C CYS B 243 13.11 -8.53 -5.61
N ALA B 244 13.26 -8.24 -4.32
CA ALA B 244 14.39 -8.74 -3.55
C ALA B 244 14.41 -10.27 -3.58
N LEU B 245 13.26 -10.91 -3.34
CA LEU B 245 13.13 -12.36 -3.37
C LEU B 245 13.41 -12.92 -4.77
N GLU B 246 12.87 -12.27 -5.79
CA GLU B 246 13.17 -12.67 -7.17
C GLU B 246 14.69 -12.64 -7.40
N ALA B 247 15.36 -11.68 -6.77
CA ALA B 247 16.80 -11.44 -7.01
C ALA B 247 17.70 -12.35 -6.16
N GLY B 248 17.10 -13.15 -5.28
CA GLY B 248 17.88 -14.05 -4.45
C GLY B 248 17.95 -13.81 -2.96
N ALA B 249 17.33 -12.73 -2.46
CA ALA B 249 17.25 -12.49 -1.02
C ALA B 249 16.51 -13.62 -0.34
N THR B 250 16.84 -13.91 0.91
CA THR B 250 16.34 -15.12 1.54
C THR B 250 15.44 -14.77 2.74
N HIS B 251 15.60 -13.56 3.27
CA HIS B 251 14.89 -13.16 4.50
C HIS B 251 14.27 -11.77 4.28
N ILE B 252 12.99 -11.63 4.60
CA ILE B 252 12.30 -10.35 4.50
C ILE B 252 11.76 -9.92 5.86
N ASP B 253 12.06 -8.68 6.28
CA ASP B 253 11.42 -8.06 7.45
C ASP B 253 9.96 -7.68 7.14
N THR B 254 9.06 -8.02 8.03
CA THR B 254 7.68 -7.54 7.98
C THR B 254 7.26 -7.00 9.35
N SER B 255 6.12 -6.36 9.35
CA SER B 255 5.54 -5.87 10.57
C SER B 255 4.04 -6.07 10.43
N ILE B 256 3.39 -6.41 11.52
CA ILE B 256 1.93 -6.58 11.52
C ILE B 256 1.29 -5.24 11.21
N LEU B 257 0.46 -5.23 10.17
CA LEU B 257 -0.17 -4.02 9.64
C LEU B 257 0.86 -3.02 9.12
N GLY B 258 2.11 -3.46 8.93
CA GLY B 258 3.17 -2.59 8.48
C GLY B 258 3.64 -1.57 9.51
N ILE B 259 3.17 -1.64 10.76
CA ILE B 259 3.44 -0.57 11.72
C ILE B 259 4.94 -0.36 11.93
N GLY B 260 5.34 0.89 12.04
CA GLY B 260 6.73 1.21 12.27
C GLY B 260 6.94 2.71 12.22
N GLU B 261 8.21 3.09 12.03
CA GLU B 261 8.61 4.47 11.89
C GLU B 261 7.86 5.04 10.67
N ARG B 262 7.34 6.27 10.78
CA ARG B 262 6.55 6.93 9.74
C ARG B 262 5.36 6.04 9.33
N ASN B 263 5.13 5.79 8.04
CA ASN B 263 4.07 4.82 7.64
C ASN B 263 4.54 3.35 7.60
N GLY B 264 5.72 3.07 8.15
CA GLY B 264 6.13 1.67 8.37
C GLY B 264 6.73 0.93 7.19
N ILE B 265 6.62 -0.40 7.22
CA ILE B 265 7.43 -1.26 6.36
C ILE B 265 6.53 -2.26 5.69
N THR B 266 7.14 -3.24 5.03
CA THR B 266 6.41 -4.30 4.37
C THR B 266 5.43 -4.91 5.38
N PRO B 267 4.11 -4.79 5.15
CA PRO B 267 3.14 -5.46 6.06
C PRO B 267 3.16 -7.01 5.97
N LEU B 268 2.94 -7.68 7.10
CA LEU B 268 2.97 -9.15 7.11
C LEU B 268 1.90 -9.74 6.19
N GLY B 269 0.66 -9.29 6.37
CA GLY B 269 -0.45 -9.81 5.59
C GLY B 269 -0.32 -9.53 4.10
N ALA B 270 0.09 -8.31 3.76
CA ALA B 270 0.29 -7.92 2.36
C ALA B 270 1.38 -8.76 1.70
N LEU B 271 2.49 -9.03 2.39
CA LEU B 271 3.54 -9.90 1.82
C LEU B 271 2.95 -11.30 1.53
N LEU B 272 2.22 -11.85 2.49
CA LEU B 272 1.67 -13.18 2.31
C LEU B 272 0.63 -13.25 1.19
N ALA B 273 -0.19 -12.21 1.01
CA ALA B 273 -1.13 -12.17 -0.12
C ALA B 273 -0.36 -12.23 -1.43
N ARG B 274 0.68 -11.39 -1.56
CA ARG B 274 1.51 -11.41 -2.77
C ARG B 274 2.17 -12.79 -2.98
N MSE B 275 2.74 -13.36 -1.92
CA MSE B 275 3.49 -14.60 -2.04
C MSE B 275 2.57 -15.77 -2.28
O MSE B 275 2.93 -16.74 -2.95
CB MSE B 275 4.37 -14.83 -0.80
CG MSE B 275 5.42 -13.75 -0.54
SE MSE B 275 6.13 -13.00 -2.22
CE MSE B 275 7.12 -14.52 -2.93
N TYR B 276 1.36 -15.67 -1.72
CA TYR B 276 0.29 -16.63 -1.95
C TYR B 276 -0.12 -16.71 -3.41
N VAL B 277 -0.23 -15.57 -4.10
CA VAL B 277 -0.59 -15.59 -5.54
C VAL B 277 0.52 -16.26 -6.34
N THR B 278 1.76 -15.97 -5.97
CA THR B 278 2.91 -16.62 -6.59
C THR B 278 2.96 -18.13 -6.35
N ASP B 279 2.73 -18.56 -5.11
CA ASP B 279 2.77 -20.02 -4.83
C ASP B 279 1.84 -20.32 -3.66
N ARG B 280 0.62 -20.65 -4.03
CA ARG B 280 -0.49 -20.87 -3.10
CA ARG B 280 -0.43 -20.82 -3.06
C ARG B 280 -0.20 -22.02 -2.14
N GLU B 281 0.27 -23.14 -2.68
CA GLU B 281 0.56 -24.33 -1.89
CA GLU B 281 0.57 -24.32 -1.89
C GLU B 281 1.66 -24.09 -0.85
N TYR B 282 2.69 -23.34 -1.22
CA TYR B 282 3.76 -23.05 -0.30
C TYR B 282 3.28 -22.20 0.89
N ILE B 283 2.57 -21.11 0.59
CA ILE B 283 2.15 -20.19 1.63
C ILE B 283 1.05 -20.75 2.54
N THR B 284 0.05 -21.41 1.95
CA THR B 284 -1.09 -21.94 2.73
C THR B 284 -0.63 -23.01 3.71
N HIS B 285 0.37 -23.78 3.32
CA HIS B 285 0.89 -24.82 4.22
C HIS B 285 1.96 -24.34 5.20
N LYS B 286 2.63 -23.24 4.93
CA LYS B 286 3.70 -22.77 5.84
C LYS B 286 3.15 -21.91 6.99
N TYR B 287 2.12 -21.11 6.70
CA TYR B 287 1.57 -20.15 7.64
C TYR B 287 0.13 -20.49 7.95
N LYS B 288 -0.29 -20.10 9.15
CA LYS B 288 -1.68 -20.31 9.55
C LYS B 288 -2.49 -19.08 9.16
N LEU B 289 -2.83 -19.00 7.88
CA LEU B 289 -3.39 -17.78 7.30
C LEU B 289 -4.71 -17.38 7.91
N ASN B 290 -5.43 -18.36 8.46
CA ASN B 290 -6.71 -18.08 9.09
C ASN B 290 -6.58 -17.43 10.47
N GLN B 291 -5.35 -17.32 10.97
CA GLN B 291 -5.06 -16.67 12.26
CA GLN B 291 -5.14 -16.64 12.25
C GLN B 291 -4.63 -15.22 12.06
N LEU B 292 -4.55 -14.78 10.81
CA LEU B 292 -4.08 -13.44 10.46
C LEU B 292 -4.94 -12.29 11.00
N ARG B 293 -6.27 -12.40 10.90
CA ARG B 293 -7.16 -11.38 11.48
CA ARG B 293 -7.16 -11.39 11.47
C ARG B 293 -6.93 -11.22 12.99
N GLU B 294 -6.85 -12.34 13.71
CA GLU B 294 -6.68 -12.26 15.18
C GLU B 294 -5.31 -11.68 15.55
N LEU B 295 -4.31 -11.98 14.74
CA LEU B 295 -2.96 -11.49 14.91
C LEU B 295 -2.95 -9.97 14.75
N GLU B 296 -3.58 -9.48 13.69
CA GLU B 296 -3.73 -8.04 13.44
C GLU B 296 -4.60 -7.35 14.48
N ASN B 297 -5.67 -8.02 14.91
CA ASN B 297 -6.56 -7.47 15.94
C ASN B 297 -5.84 -7.30 17.28
N LEU B 298 -4.99 -8.27 17.63
CA LEU B 298 -4.13 -8.18 18.80
C LEU B 298 -3.27 -6.90 18.76
N VAL B 299 -2.63 -6.65 17.62
CA VAL B 299 -1.77 -5.45 17.48
C VAL B 299 -2.60 -4.18 17.39
N ALA B 300 -3.69 -4.19 16.61
CA ALA B 300 -4.53 -2.99 16.45
C ALA B 300 -5.11 -2.48 17.77
N ASP B 301 -5.50 -3.41 18.64
CA ASP B 301 -5.99 -3.06 19.96
CA ASP B 301 -6.01 -3.06 19.95
C ASP B 301 -4.88 -2.43 20.79
N ALA B 302 -3.69 -3.01 20.72
CA ALA B 302 -2.56 -2.51 21.54
C ALA B 302 -2.09 -1.11 21.10
N VAL B 303 -2.12 -0.84 19.79
CA VAL B 303 -1.63 0.45 19.30
C VAL B 303 -2.79 1.39 18.98
N GLU B 304 -4.01 0.95 19.33
CA GLU B 304 -5.21 1.79 19.25
C GLU B 304 -5.53 2.34 17.87
N VAL B 305 -5.51 1.46 16.85
CA VAL B 305 -5.89 1.84 15.51
C VAL B 305 -7.05 0.99 14.96
N GLN B 306 -7.65 1.46 13.88
N GLN B 306 -7.66 1.46 13.87
CA GLN B 306 -8.64 0.70 13.15
CA GLN B 306 -8.68 0.70 13.14
C GLN B 306 -7.89 -0.17 12.15
C GLN B 306 -8.01 -0.06 12.03
N ILE B 307 -8.56 -1.22 11.68
CA ILE B 307 -8.07 -1.98 10.53
C ILE B 307 -8.60 -1.22 9.30
N PRO B 308 -7.69 -0.69 8.46
CA PRO B 308 -8.12 0.06 7.27
C PRO B 308 -9.02 -0.75 6.33
N PHE B 309 -10.02 -0.07 5.76
CA PHE B 309 -11.03 -0.69 4.92
C PHE B 309 -10.41 -1.40 3.71
N ASN B 310 -9.30 -0.85 3.20
CA ASN B 310 -8.57 -1.33 2.04
CA ASN B 310 -8.63 -1.41 2.01
C ASN B 310 -7.45 -2.32 2.40
N ASN B 311 -7.39 -2.72 3.68
CA ASN B 311 -6.25 -3.54 4.16
C ASN B 311 -6.24 -4.88 3.44
N TYR B 312 -5.04 -5.29 3.02
CA TYR B 312 -4.86 -6.53 2.26
C TYR B 312 -5.48 -7.71 3.02
N ILE B 313 -6.28 -8.49 2.29
CA ILE B 313 -6.95 -9.66 2.84
C ILE B 313 -8.07 -9.38 3.83
N THR B 314 -7.75 -8.69 4.93
CA THR B 314 -8.60 -8.60 6.10
C THR B 314 -9.38 -7.29 6.21
N GLY B 315 -9.10 -6.32 5.34
CA GLY B 315 -9.90 -5.11 5.31
C GLY B 315 -11.34 -5.40 4.89
N MSE B 316 -12.24 -4.54 5.36
CA MSE B 316 -13.66 -4.58 4.99
C MSE B 316 -13.90 -4.87 3.52
O MSE B 316 -14.72 -5.71 3.17
CB MSE B 316 -14.32 -3.22 5.29
CG MSE B 316 -14.86 -3.08 6.67
SE MSE B 316 -16.49 -4.14 6.85
CE MSE B 316 -16.29 -4.57 8.69
N CYS B 317 -13.16 -4.17 2.66
CA CYS B 317 -13.49 -4.19 1.25
CA CYS B 317 -13.42 -4.14 1.23
C CYS B 317 -12.63 -5.14 0.41
N ALA B 318 -11.69 -5.83 1.05
CA ALA B 318 -10.75 -6.69 0.31
C ALA B 318 -11.43 -7.81 -0.46
N PHE B 319 -12.46 -8.40 0.15
CA PHE B 319 -13.22 -9.46 -0.49
C PHE B 319 -14.63 -8.97 -0.84
N THR B 320 -14.72 -7.84 -1.54
CA THR B 320 -16.02 -7.31 -2.00
C THR B 320 -16.05 -7.07 -3.52
N HIS B 321 -17.20 -7.28 -4.12
CA HIS B 321 -17.43 -6.95 -5.54
C HIS B 321 -18.61 -6.00 -5.55
N LYS B 322 -18.61 -5.06 -6.49
CA LYS B 322 -19.80 -4.26 -6.72
C LYS B 322 -20.74 -5.00 -7.66
N ALA B 323 -22.00 -5.10 -7.25
CA ALA B 323 -23.02 -5.66 -8.09
C ALA B 323 -23.91 -4.49 -8.49
N GLY B 324 -24.52 -4.57 -9.64
CA GLY B 324 -25.42 -3.50 -10.09
C GLY B 324 -24.82 -2.72 -11.26
N ILE B 325 -25.31 -1.52 -11.50
CA ILE B 325 -24.92 -0.78 -12.71
C ILE B 325 -23.45 -0.36 -12.71
N HIS B 326 -22.85 -0.27 -11.52
CA HIS B 326 -21.45 0.11 -11.39
C HIS B 326 -20.50 -1.00 -11.86
N ALA B 327 -20.99 -2.24 -11.88
CA ALA B 327 -20.17 -3.37 -12.35
C ALA B 327 -19.89 -3.27 -13.86
N LYS B 328 -20.72 -2.52 -14.58
CA LYS B 328 -20.51 -2.33 -16.02
C LYS B 328 -19.36 -1.36 -16.33
N ALA B 329 -18.62 -0.97 -15.29
CA ALA B 329 -17.38 -0.22 -15.47
C ALA B 329 -16.26 -1.15 -15.96
N ILE B 330 -16.51 -2.47 -15.87
CA ILE B 330 -15.69 -3.54 -16.46
C ILE B 330 -16.55 -4.45 -17.36
N LEU B 331 -15.90 -5.25 -18.19
CA LEU B 331 -16.61 -6.09 -19.15
C LEU B 331 -17.07 -7.42 -18.57
N ALA B 332 -16.17 -8.13 -17.86
CA ALA B 332 -16.52 -9.45 -17.33
C ALA B 332 -17.30 -9.34 -16.02
N ASN B 333 -18.04 -10.39 -15.66
CA ASN B 333 -18.64 -10.52 -14.32
CA ASN B 333 -18.64 -10.45 -14.34
C ASN B 333 -17.57 -10.28 -13.24
N PRO B 334 -17.88 -9.47 -12.20
CA PRO B 334 -16.91 -9.26 -11.12
C PRO B 334 -16.24 -10.54 -10.55
N SER B 335 -16.99 -11.63 -10.45
CA SER B 335 -16.44 -12.85 -9.84
C SER B 335 -15.33 -13.55 -10.68
N THR B 336 -15.09 -13.08 -11.91
CA THR B 336 -13.91 -13.45 -12.72
C THR B 336 -12.58 -13.02 -12.05
N TYR B 337 -12.63 -11.98 -11.22
CA TYR B 337 -11.41 -11.40 -10.70
C TYR B 337 -11.34 -11.69 -9.21
N GLU B 338 -10.80 -12.86 -8.89
CA GLU B 338 -10.71 -13.33 -7.49
C GLU B 338 -9.34 -13.99 -7.24
N ILE B 339 -8.27 -13.22 -7.42
CA ILE B 339 -6.91 -13.74 -7.25
C ILE B 339 -6.73 -14.36 -5.82
N LEU B 340 -7.42 -13.80 -4.83
CA LEU B 340 -7.41 -14.36 -3.49
C LEU B 340 -8.69 -15.13 -3.23
N LYS B 341 -8.54 -16.34 -2.70
CA LYS B 341 -9.68 -17.20 -2.36
C LYS B 341 -9.99 -16.98 -0.88
N PRO B 342 -11.21 -16.49 -0.55
CA PRO B 342 -11.56 -16.16 0.84
C PRO B 342 -11.32 -17.31 1.81
N GLU B 343 -11.67 -18.53 1.40
CA GLU B 343 -11.53 -19.72 2.25
C GLU B 343 -10.10 -20.06 2.65
N ASP B 344 -9.13 -19.70 1.83
CA ASP B 344 -7.71 -19.86 2.23
C ASP B 344 -7.31 -18.96 3.38
N PHE B 345 -8.09 -17.90 3.60
CA PHE B 345 -7.78 -16.92 4.62
C PHE B 345 -8.79 -16.95 5.77
N GLY B 346 -9.56 -18.03 5.85
CA GLY B 346 -10.50 -18.21 6.96
C GLY B 346 -11.85 -17.56 6.74
N MSE B 347 -12.09 -17.03 5.55
CA MSE B 347 -13.35 -16.37 5.26
C MSE B 347 -14.23 -17.16 4.29
O MSE B 347 -13.78 -18.12 3.69
CB MSE B 347 -13.09 -14.97 4.79
CG MSE B 347 -12.58 -14.11 5.95
SE MSE B 347 -11.92 -12.52 5.18
CE MSE B 347 -10.74 -11.80 6.65
N SER B 348 -15.49 -16.75 4.16
CA SER B 348 -16.46 -17.62 3.53
C SER B 348 -16.84 -17.28 2.08
N ARG B 349 -16.71 -16.01 1.69
CA ARG B 349 -17.15 -15.55 0.36
C ARG B 349 -16.67 -14.13 0.10
N TYR B 350 -16.70 -13.73 -1.16
CA TYR B 350 -16.75 -12.33 -1.53
C TYR B 350 -18.16 -11.84 -1.27
N VAL B 351 -18.29 -10.62 -0.74
CA VAL B 351 -19.60 -9.99 -0.58
C VAL B 351 -19.91 -9.17 -1.85
N HIS B 352 -21.02 -9.51 -2.51
CA HIS B 352 -21.48 -8.79 -3.69
C HIS B 352 -22.43 -7.66 -3.31
N VAL B 353 -21.96 -6.42 -3.42
CA VAL B 353 -22.71 -5.26 -2.94
C VAL B 353 -23.61 -4.63 -4.01
N GLY B 354 -24.92 -4.67 -3.76
CA GLY B 354 -25.89 -4.12 -4.69
C GLY B 354 -26.39 -2.76 -4.25
N SER B 355 -26.47 -2.56 -2.94
CA SER B 355 -26.99 -1.32 -2.37
C SER B 355 -26.35 -1.14 -1.00
N ARG B 356 -26.54 0.03 -0.39
CA ARG B 356 -25.85 0.32 0.87
C ARG B 356 -26.34 -0.59 2.00
N LEU B 357 -25.39 -1.28 2.62
CA LEU B 357 -25.64 -2.13 3.78
C LEU B 357 -25.72 -1.28 5.04
N THR B 358 -26.91 -1.18 5.62
CA THR B 358 -27.11 -0.38 6.83
C THR B 358 -27.64 -1.23 7.98
N GLY B 359 -27.22 -0.90 9.20
CA GLY B 359 -27.79 -1.50 10.40
C GLY B 359 -27.25 -2.89 10.67
N TRP B 360 -28.14 -3.79 11.11
CA TRP B 360 -27.73 -5.17 11.38
C TRP B 360 -27.47 -5.97 10.08
N ASN B 361 -27.95 -5.46 8.95
CA ASN B 361 -27.65 -6.04 7.65
C ASN B 361 -26.16 -5.99 7.35
N ALA B 362 -25.54 -4.86 7.69
CA ALA B 362 -24.09 -4.69 7.54
C ALA B 362 -23.32 -5.61 8.49
N ILE B 363 -23.75 -5.67 9.75
CA ILE B 363 -23.09 -6.46 10.79
C ILE B 363 -23.12 -7.94 10.43
N LYS B 364 -24.33 -8.44 10.12
CA LYS B 364 -24.58 -9.83 9.75
C LYS B 364 -23.75 -10.27 8.52
N SER B 365 -23.72 -9.43 7.50
CA SER B 365 -22.98 -9.73 6.28
C SER B 365 -21.47 -9.91 6.57
N ARG B 366 -20.90 -8.96 7.31
CA ARG B 366 -19.49 -9.06 7.66
C ARG B 366 -19.21 -10.21 8.62
N ALA B 367 -20.02 -10.37 9.67
CA ALA B 367 -19.87 -11.47 10.64
C ALA B 367 -19.87 -12.85 9.96
N GLU B 368 -20.76 -13.02 8.98
CA GLU B 368 -20.86 -14.27 8.22
C GLU B 368 -19.69 -14.49 7.29
N GLN B 369 -19.21 -13.41 6.67
CA GLN B 369 -18.01 -13.48 5.83
C GLN B 369 -16.78 -13.91 6.67
N LEU B 370 -16.71 -13.45 7.92
CA LEU B 370 -15.63 -13.79 8.85
C LEU B 370 -15.79 -15.13 9.58
N ASN B 371 -16.86 -15.87 9.27
CA ASN B 371 -17.17 -17.14 9.93
C ASN B 371 -17.31 -17.02 11.46
N LEU B 372 -17.84 -15.89 11.93
CA LEU B 372 -18.12 -15.73 13.35
C LEU B 372 -19.48 -16.33 13.58
N HIS B 373 -19.63 -17.08 14.65
CA HIS B 373 -20.93 -17.65 14.90
C HIS B 373 -21.56 -17.01 16.12
N LEU B 374 -22.56 -16.17 15.83
CA LEU B 374 -23.23 -15.34 16.82
C LEU B 374 -24.75 -15.23 16.61
N GLN B 378 -25.39 -12.58 21.67
CA GLN B 378 -24.29 -11.80 21.09
C GLN B 378 -24.77 -10.85 19.98
N ALA B 379 -25.61 -11.36 19.08
CA ALA B 379 -26.13 -10.58 17.95
C ALA B 379 -26.94 -9.35 18.38
N LYS B 380 -27.38 -9.34 19.65
CA LYS B 380 -28.27 -8.31 20.19
C LYS B 380 -27.62 -6.93 20.34
N GLU B 381 -26.64 -6.82 21.24
CA GLU B 381 -25.97 -5.54 21.49
C GLU B 381 -24.77 -5.30 20.57
N LEU B 382 -24.99 -5.51 19.27
CA LEU B 382 -24.06 -5.05 18.23
C LEU B 382 -24.78 -4.06 17.33
N THR B 383 -26.02 -4.41 16.95
CA THR B 383 -26.93 -3.53 16.20
C THR B 383 -27.47 -2.41 17.08
N VAL B 384 -27.52 -2.65 18.40
CA VAL B 384 -27.88 -1.64 19.39
C VAL B 384 -26.73 -0.65 19.65
N ARG B 385 -25.50 -1.12 19.49
CA ARG B 385 -24.31 -0.29 19.61
C ARG B 385 -24.10 0.52 18.33
N ILE B 386 -24.25 -0.11 17.17
CA ILE B 386 -23.97 0.52 15.86
C ILE B 386 -24.86 1.72 15.51
N LYS B 387 -26.13 1.67 15.95
CA LYS B 387 -27.09 2.76 15.74
C LYS B 387 -26.73 4.07 16.48
N LYS B 388 -26.23 3.93 17.72
CA LYS B 388 -25.76 5.09 18.49
C LYS B 388 -24.27 5.37 18.25
N LEU B 389 -23.89 5.36 16.98
CA LEU B 389 -22.49 5.48 16.55
C LEU B 389 -22.40 5.89 15.08
N ALA B 396 -20.79 5.23 9.95
CA ALA B 396 -19.45 4.93 9.44
C ALA B 396 -19.32 3.47 8.97
N MSE B 397 -18.28 3.17 8.17
CA MSE B 397 -18.15 1.84 7.55
C MSE B 397 -17.17 0.93 8.28
O MSE B 397 -17.39 -0.27 8.40
CB MSE B 397 -17.72 1.93 6.07
CG MSE B 397 -17.95 0.65 5.24
SE MSE B 397 -16.66 0.31 3.77
CE MSE B 397 -17.54 -1.26 2.98
N ASP B 398 -16.06 1.52 8.72
CA ASP B 398 -15.03 0.74 9.39
C ASP B 398 -15.44 0.42 10.83
N ASP B 399 -16.55 1.01 11.28
CA ASP B 399 -17.16 0.71 12.59
C ASP B 399 -17.62 -0.74 12.68
N VAL B 400 -18.05 -1.30 11.55
CA VAL B 400 -18.49 -2.68 11.45
C VAL B 400 -17.39 -3.63 11.93
N ASP B 401 -16.19 -3.49 11.40
CA ASP B 401 -15.04 -4.27 11.85
C ASP B 401 -14.63 -3.91 13.28
N ARG B 402 -14.67 -2.63 13.63
CA ARG B 402 -14.32 -2.14 14.97
C ARG B 402 -15.17 -2.88 16.01
N VAL B 403 -16.47 -2.88 15.75
CA VAL B 403 -17.47 -3.42 16.66
C VAL B 403 -17.39 -4.95 16.73
N LEU B 404 -16.93 -5.58 15.65
CA LEU B 404 -16.78 -7.05 15.59
C LEU B 404 -15.43 -7.60 16.08
N ARG B 405 -14.50 -6.72 16.46
CA ARG B 405 -13.13 -7.13 16.78
C ARG B 405 -13.00 -8.23 17.86
N GLU B 406 -13.82 -8.12 18.90
CA GLU B 406 -13.82 -9.08 20.01
CA GLU B 406 -13.89 -9.09 20.02
C GLU B 406 -13.99 -10.53 19.53
N TYR B 407 -14.89 -10.74 18.56
CA TYR B 407 -15.38 -12.06 18.21
C TYR B 407 -14.43 -12.92 17.38
N HIS B 408 -14.39 -14.21 17.73
CA HIS B 408 -13.52 -15.20 17.09
C HIS B 408 -14.32 -16.17 16.23
N ALA B 409 -13.69 -16.69 15.18
CA ALA B 409 -14.33 -17.62 14.25
C ALA B 409 -14.42 -19.04 14.82
CO CO C . -10.35 -1.64 -12.34
MG MG D . -8.22 3.68 -19.25
CO CO E . 12.97 0.50 9.53
MG MG F . 17.59 -7.37 9.57
#